data_7RQF
#
_entry.id   7RQF
#
_cell.length_a   120.699
_cell.length_b   120.699
_cell.length_c   221.943
_cell.angle_alpha   90.00
_cell.angle_beta   90.00
_cell.angle_gamma   120.00
#
_symmetry.space_group_name_H-M   'P 32 2 1'
#
_entity_poly.entity_id   1
_entity_poly.type   'polypeptide(L)'
_entity_poly.pdbx_seq_one_letter_code
;(MSE)EDSLYSLLVAELAGQRNRFDIALSNYVVQAQKTRDPGVSERAFRIAEYLGADQEALDTSLLWARSAPDNLDAQRA
AAIQLARAGRYEES(MSE)VY(MSE)EKVLNGQGDTHFDFLALSAAETDPDTRAGLLQSFDHLLKKYPNNGQLLFGKALL
LQQDGRPDEALTLLEDNSASRHEVAPLLLRSRLLQS(MSE)KRSDEALPLLKAGIKEHPDDKRVRLAYARLLVEQNRLDD
AKAEFAGLVQQFPDDDDLRFSLALVCLEAQAWDEARIYLEELVERDSHVDAAHFNLGRLAEEQKDTARALDEYAQVGPGN
DFLPAQLRQTDVLLKAGRVDEAAQRLDKARSEQPDYAIQLYLIEAEALSNNDQQEKAWQAIQEGLKQYPEDLNLLYTRS
(MSE)LAEKRNDLAQ(MSE)EKDLRFVIAREPDNA(MSE)ALNALGYTLADRTTRYGEARELILKAHKLNPDDPAILDS
(MSE)GWINYRQGKLADAERYLRQALQRYPDHEVAAHLGEVLWAQGRQGDARAIWREYLDKQPDSDVLRRTIKRLTGAET
PKLAAALEHHHHHH
;
_entity_poly.pdbx_strand_id   A,B
#
# COMPACT_ATOMS: atom_id res chain seq x y z
N ASP A 3 17.00 13.85 -43.28
CA ASP A 3 15.99 13.57 -42.25
C ASP A 3 14.60 13.91 -42.78
N SER A 4 13.64 12.99 -42.60
CA SER A 4 12.28 13.15 -43.08
C SER A 4 11.30 12.80 -41.97
N LEU A 5 10.01 13.00 -42.27
CA LEU A 5 8.97 12.74 -41.29
C LEU A 5 8.86 11.24 -40.98
N TYR A 6 8.98 10.40 -42.00
CA TYR A 6 8.97 8.95 -41.79
C TYR A 6 10.15 8.52 -40.92
N SER A 7 11.30 9.18 -41.10
CA SER A 7 12.46 8.89 -40.26
C SER A 7 12.23 9.31 -38.81
N LEU A 8 11.46 10.37 -38.58
CA LEU A 8 11.17 10.81 -37.23
C LEU A 8 10.07 10.01 -36.54
N LEU A 9 9.17 9.40 -37.30
CA LEU A 9 8.06 8.67 -36.70
C LEU A 9 8.49 7.46 -35.87
N VAL A 10 9.65 6.87 -36.17
CA VAL A 10 10.09 5.70 -35.42
C VAL A 10 10.38 6.06 -33.96
N ALA A 11 10.95 7.24 -33.70
CA ALA A 11 11.20 7.63 -32.31
C ALA A 11 9.90 7.82 -31.56
N GLU A 12 8.88 8.37 -32.23
CA GLU A 12 7.55 8.45 -31.64
C GLU A 12 7.02 7.05 -31.31
N LEU A 13 7.22 6.09 -32.23
CA LEU A 13 6.78 4.73 -31.98
C LEU A 13 7.51 4.12 -30.79
N ALA A 14 8.79 4.44 -30.64
CA ALA A 14 9.55 3.96 -29.48
C ALA A 14 9.00 4.53 -28.18
N GLY A 15 8.65 5.81 -28.20
CA GLY A 15 8.02 6.41 -27.02
C GLY A 15 6.68 5.76 -26.69
N GLN A 16 5.87 5.50 -27.72
CA GLN A 16 4.61 4.79 -27.50
C GLN A 16 4.86 3.40 -26.94
N ARG A 17 5.92 2.72 -27.40
CA ARG A 17 6.26 1.40 -26.87
C ARG A 17 6.60 1.49 -25.39
N ASN A 18 7.42 2.47 -25.01
CA ASN A 18 7.77 2.67 -23.61
C ASN A 18 6.52 2.90 -22.77
N ARG A 19 5.62 3.76 -23.25
CA ARG A 19 4.42 4.09 -22.46
C ARG A 19 3.46 2.91 -22.38
N PHE A 20 3.35 2.14 -23.47
CA PHE A 20 2.55 0.91 -23.44
C PHE A 20 3.11 -0.06 -22.41
N ASP A 21 4.43 -0.26 -22.41
CA ASP A 21 5.04 -1.17 -21.45
C ASP A 21 4.78 -0.71 -20.02
N ILE A 22 4.94 0.58 -19.77
CA ILE A 22 4.73 1.12 -18.41
C ILE A 22 3.28 0.96 -17.99
N ALA A 23 2.34 1.20 -18.90
CA ALA A 23 0.92 1.06 -18.58
C ALA A 23 0.56 -0.39 -18.27
N LEU A 24 1.07 -1.32 -19.06
CA LEU A 24 0.77 -2.73 -18.83
C LEU A 24 1.36 -3.23 -17.51
N SER A 25 2.61 -2.86 -17.22
CA SER A 25 3.20 -3.24 -15.94
C SER A 25 2.44 -2.61 -14.78
N ASN A 26 1.97 -1.37 -14.96
CA ASN A 26 1.17 -0.72 -13.93
C ASN A 26 -0.12 -1.49 -13.68
N TYR A 27 -0.80 -1.90 -14.75
CA TYR A 27 -2.00 -2.72 -14.58
C TYR A 27 -1.68 -4.01 -13.84
N VAL A 28 -0.56 -4.66 -14.20
CA VAL A 28 -0.19 -5.91 -13.55
C VAL A 28 0.01 -5.71 -12.06
N VAL A 29 0.69 -4.63 -11.66
CA VAL A 29 0.90 -4.43 -10.22
C VAL A 29 -0.38 -4.01 -9.54
N GLN A 30 -1.30 -3.35 -10.26
CA GLN A 30 -2.60 -3.02 -9.67
C GLN A 30 -3.42 -4.27 -9.36
N ALA A 31 -3.39 -5.25 -10.26
CA ALA A 31 -4.23 -6.43 -10.06
C ALA A 31 -3.85 -7.19 -8.79
N GLN A 32 -2.58 -7.21 -8.42
CA GLN A 32 -2.17 -7.96 -7.24
C GLN A 32 -2.49 -7.21 -5.96
N LYS A 33 -2.37 -5.88 -6.00
CA LYS A 33 -2.53 -5.03 -4.78
C LYS A 33 -3.91 -5.16 -4.13
N THR A 34 -3.95 -5.18 -2.79
CA THR A 34 -5.24 -5.25 -2.06
C THR A 34 -5.95 -3.88 -2.13
N ARG A 35 -7.26 -3.87 -1.90
CA ARG A 35 -8.06 -2.61 -1.98
C ARG A 35 -7.63 -1.65 -0.87
N ASP A 36 -7.53 -0.35 -1.19
CA ASP A 36 -7.11 0.68 -0.20
C ASP A 36 -8.13 0.78 0.93
N PRO A 37 -7.71 0.93 2.21
CA PRO A 37 -8.65 1.13 3.33
C PRO A 37 -9.76 2.15 3.03
N GLY A 38 -9.38 3.36 2.59
CA GLY A 38 -10.38 4.38 2.29
C GLY A 38 -11.09 4.78 3.58
N VAL A 39 -12.40 5.02 3.47
CA VAL A 39 -13.16 5.41 4.64
C VAL A 39 -14.39 4.53 4.78
N SER A 40 -14.92 4.06 3.65
CA SER A 40 -16.05 3.14 3.71
C SER A 40 -15.65 1.85 4.42
N GLU A 41 -14.47 1.30 4.09
CA GLU A 41 -14.01 0.10 4.78
C GLU A 41 -13.56 0.39 6.21
N ARG A 42 -13.11 1.62 6.48
CA ARG A 42 -12.81 2.01 7.86
C ARG A 42 -14.08 2.08 8.69
N ALA A 43 -15.12 2.72 8.16
CA ALA A 43 -16.40 2.76 8.86
C ALA A 43 -16.96 1.37 9.07
N PHE A 44 -16.84 0.50 8.06
CA PHE A 44 -17.29 -0.87 8.24
C PHE A 44 -16.44 -1.61 9.28
N ARG A 45 -15.16 -1.25 9.41
CA ARG A 45 -14.33 -1.86 10.43
C ARG A 45 -14.79 -1.47 11.83
N ILE A 46 -15.07 -0.18 12.05
CA ILE A 46 -15.62 0.23 13.35
C ILE A 46 -16.98 -0.43 13.59
N ALA A 47 -17.78 -0.60 12.53
CA ALA A 47 -19.08 -1.22 12.70
C ALA A 47 -18.95 -2.70 13.08
N GLU A 48 -18.01 -3.41 12.47
CA GLU A 48 -17.73 -4.80 12.85
C GLU A 48 -17.21 -4.87 14.28
N TYR A 49 -16.39 -3.89 14.68
CA TYR A 49 -15.91 -3.83 16.05
C TYR A 49 -17.07 -3.68 17.03
N LEU A 50 -18.10 -2.93 16.62
CA LEU A 50 -19.32 -2.85 17.41
C LEU A 50 -20.13 -4.16 17.40
N GLY A 51 -20.51 -4.66 16.23
CA GLY A 51 -21.36 -5.84 16.24
C GLY A 51 -20.69 -7.10 16.78
N ALA A 52 -19.40 -7.01 17.13
CA ALA A 52 -18.68 -8.17 17.65
C ALA A 52 -19.01 -8.46 19.10
N ASP A 53 -19.59 -7.50 19.81
CA ASP A 53 -19.80 -7.66 21.25
C ASP A 53 -20.92 -8.67 21.53
N GLN A 54 -21.98 -8.66 20.75
CA GLN A 54 -23.10 -9.57 20.98
C GLN A 54 -23.06 -10.75 20.02
N GLU A 55 -23.49 -11.91 20.54
CA GLU A 55 -23.51 -13.13 19.72
C GLU A 55 -24.46 -12.98 18.54
N ALA A 56 -25.52 -12.19 18.70
CA ALA A 56 -26.48 -12.00 17.61
C ALA A 56 -25.81 -11.32 16.43
N LEU A 57 -26.10 -11.85 15.23
CA LEU A 57 -25.50 -11.34 14.01
C LEU A 57 -25.95 -9.91 13.73
N ASP A 58 -25.00 -9.06 13.36
CA ASP A 58 -25.31 -7.70 12.90
C ASP A 58 -25.86 -7.78 11.49
N THR A 59 -27.16 -8.08 11.41
CA THR A 59 -27.80 -8.27 10.12
C THR A 59 -27.73 -7.02 9.25
N SER A 60 -27.86 -5.84 9.86
CA SER A 60 -27.75 -4.60 9.10
C SER A 60 -26.35 -4.41 8.57
N LEU A 61 -25.33 -4.79 9.36
CA LEU A 61 -23.95 -4.67 8.90
C LEU A 61 -23.67 -5.61 7.73
N LEU A 62 -24.16 -6.84 7.81
CA LEU A 62 -23.98 -7.78 6.70
C LEU A 62 -24.73 -7.31 5.47
N TRP A 63 -25.89 -6.67 5.65
CA TRP A 63 -26.64 -6.17 4.51
C TRP A 63 -25.92 -5.01 3.84
N ALA A 64 -25.33 -4.11 4.63
CA ALA A 64 -24.67 -2.94 4.06
C ALA A 64 -23.31 -3.30 3.47
N ARG A 65 -22.56 -4.16 4.15
CA ARG A 65 -21.22 -4.54 3.67
C ARG A 65 -21.28 -5.33 2.37
N SER A 66 -22.43 -5.93 2.06
CA SER A 66 -22.61 -6.69 0.82
C SER A 66 -23.41 -5.90 -0.21
N ALA A 67 -23.36 -4.58 -0.14
CA ALA A 67 -24.10 -3.75 -1.08
C ALA A 67 -23.52 -3.89 -2.49
N PRO A 68 -24.34 -3.67 -3.53
CA PRO A 68 -23.80 -3.70 -4.89
C PRO A 68 -22.77 -2.62 -5.17
N ASP A 69 -22.74 -1.55 -4.37
CA ASP A 69 -21.75 -0.50 -4.57
C ASP A 69 -20.46 -0.77 -3.81
N ASN A 70 -20.43 -1.77 -2.94
CA ASN A 70 -19.24 -2.14 -2.18
C ASN A 70 -18.41 -3.22 -2.89
N LEU A 71 -18.58 -3.39 -4.19
CA LEU A 71 -17.83 -4.35 -4.96
C LEU A 71 -16.68 -3.66 -5.67
N ASP A 72 -15.47 -4.22 -5.53
CA ASP A 72 -14.31 -3.63 -6.17
C ASP A 72 -14.41 -3.77 -7.68
N ALA A 73 -14.45 -2.64 -8.39
CA ALA A 73 -14.48 -2.64 -9.84
C ALA A 73 -13.09 -2.51 -10.46
N GLN A 74 -12.05 -2.35 -9.64
CA GLN A 74 -10.68 -2.20 -10.11
C GLN A 74 -10.60 -1.07 -11.15
N ARG A 75 -10.82 0.14 -10.65
CA ARG A 75 -10.99 1.29 -11.53
C ARG A 75 -9.68 1.72 -12.15
N ALA A 76 -8.64 1.93 -11.33
CA ALA A 76 -7.35 2.38 -11.85
C ALA A 76 -6.72 1.32 -12.75
N ALA A 77 -6.90 0.04 -12.40
CA ALA A 77 -6.39 -1.02 -13.24
C ALA A 77 -7.04 -0.99 -14.62
N ALA A 78 -8.36 -0.79 -14.66
CA ALA A 78 -9.06 -0.68 -15.94
C ALA A 78 -8.59 0.54 -16.72
N ILE A 79 -8.31 1.64 -16.02
CA ILE A 79 -7.78 2.84 -16.68
C ILE A 79 -6.45 2.52 -17.35
N GLN A 80 -5.55 1.85 -16.62
CA GLN A 80 -4.25 1.50 -17.17
C GLN A 80 -4.39 0.58 -18.36
N LEU A 81 -5.27 -0.41 -18.28
CA LEU A 81 -5.48 -1.32 -19.40
C LEU A 81 -6.01 -0.60 -20.63
N ALA A 82 -7.01 0.28 -20.44
CA ALA A 82 -7.57 1.01 -21.57
C ALA A 82 -6.54 1.93 -22.19
N ARG A 83 -5.69 2.56 -21.36
CA ARG A 83 -4.63 3.41 -21.90
C ARG A 83 -3.63 2.59 -22.70
N ALA A 84 -3.25 1.42 -22.20
CA ALA A 84 -2.35 0.55 -22.97
C ALA A 84 -2.99 0.13 -24.28
N GLY A 85 -4.29 -0.16 -24.27
CA GLY A 85 -4.96 -0.58 -25.48
C GLY A 85 -5.00 0.52 -26.54
N ARG A 86 -5.37 1.74 -26.13
CA ARG A 86 -5.36 2.85 -27.09
C ARG A 86 -3.95 3.15 -27.57
N TYR A 87 -2.94 3.01 -26.72
CA TYR A 87 -1.55 3.19 -27.17
C TYR A 87 -1.21 2.17 -28.24
N GLU A 88 -1.59 0.91 -28.03
CA GLU A 88 -1.32 -0.13 -29.02
C GLU A 88 -2.05 0.15 -30.32
N GLU A 89 -3.29 0.63 -30.24
CA GLU A 89 -4.04 0.97 -31.44
C GLU A 89 -3.36 2.08 -32.23
N SER A 90 -2.93 3.14 -31.55
CA SER A 90 -2.24 4.23 -32.24
C SER A 90 -0.91 3.75 -32.82
N VAL A 92 -0.25 0.70 -33.91
CA VAL A 92 -0.62 -0.04 -35.12
C VAL A 92 -0.92 0.93 -36.26
N TYR A 93 -1.68 1.99 -35.95
CA TYR A 93 -1.99 2.99 -36.97
C TYR A 93 -0.73 3.59 -37.58
N GLU A 95 2.34 2.41 -37.54
CA GLU A 95 3.09 1.44 -38.33
C GLU A 95 2.46 1.23 -39.70
N LYS A 96 1.13 1.39 -39.79
CA LYS A 96 0.49 1.38 -41.10
C LYS A 96 0.87 2.61 -41.92
N VAL A 97 1.04 3.76 -41.27
CA VAL A 97 1.38 5.00 -41.98
C VAL A 97 2.85 4.99 -42.40
N LEU A 98 3.71 4.32 -41.64
CA LEU A 98 5.14 4.34 -41.93
C LEU A 98 5.45 3.67 -43.25
N ASN A 99 4.85 2.51 -43.52
CA ASN A 99 5.19 1.78 -44.74
C ASN A 99 4.69 2.46 -46.00
N GLY A 100 3.83 3.47 -45.88
CA GLY A 100 3.43 4.24 -47.04
C GLY A 100 4.55 5.12 -47.56
N GLN A 101 4.49 5.37 -48.86
CA GLN A 101 5.49 6.24 -49.51
C GLN A 101 4.76 7.50 -50.00
N GLY A 102 5.49 8.59 -50.22
CA GLY A 102 4.82 9.86 -50.57
C GLY A 102 5.82 11.00 -50.51
N ASP A 103 5.33 12.24 -50.53
CA ASP A 103 6.28 13.36 -50.34
C ASP A 103 6.45 13.48 -48.82
N THR A 104 7.26 12.59 -48.24
CA THR A 104 7.52 12.58 -46.78
C THR A 104 8.20 13.91 -46.42
N HIS A 105 9.07 14.39 -47.29
CA HIS A 105 9.76 15.68 -47.06
C HIS A 105 8.91 16.88 -47.52
N PHE A 106 9.40 18.09 -47.26
CA PHE A 106 8.79 19.38 -47.64
C PHE A 106 7.36 19.53 -47.15
N ASP A 107 7.02 18.86 -46.05
CA ASP A 107 5.78 19.11 -45.33
C ASP A 107 6.15 19.51 -43.91
N PHE A 108 6.81 20.66 -43.78
CA PHE A 108 7.49 21.06 -42.54
C PHE A 108 6.54 21.20 -41.35
N LEU A 109 5.23 21.30 -41.58
CA LEU A 109 4.31 21.47 -40.47
C LEU A 109 4.40 20.29 -39.50
N ALA A 110 4.33 19.07 -40.04
CA ALA A 110 4.36 17.89 -39.19
C ALA A 110 5.75 17.62 -38.63
N LEU A 111 6.81 18.06 -39.30
CA LEU A 111 8.16 17.88 -38.77
C LEU A 111 8.33 18.63 -37.45
N SER A 112 7.73 19.83 -37.35
CA SER A 112 7.81 20.58 -36.10
C SER A 112 7.12 19.82 -34.97
N ALA A 113 5.96 19.22 -35.25
CA ALA A 113 5.26 18.43 -34.25
C ALA A 113 6.03 17.16 -33.89
N ALA A 114 6.78 16.60 -34.85
CA ALA A 114 7.57 15.42 -34.57
C ALA A 114 8.80 15.76 -33.74
N GLU A 115 9.31 16.99 -33.85
CA GLU A 115 10.45 17.41 -33.06
C GLU A 115 10.06 17.99 -31.72
N THR A 116 8.78 18.31 -31.51
CA THR A 116 8.29 18.84 -30.24
C THR A 116 7.71 17.76 -29.34
N ASP A 117 7.91 16.49 -29.68
CA ASP A 117 7.31 15.40 -28.91
C ASP A 117 8.12 15.17 -27.64
N PRO A 118 7.55 15.38 -26.45
CA PRO A 118 8.35 15.20 -25.22
C PRO A 118 8.76 13.77 -24.95
N ASP A 119 8.11 12.78 -25.58
CA ASP A 119 8.45 11.38 -25.38
C ASP A 119 9.64 10.91 -26.20
N THR A 120 10.04 11.67 -27.22
CA THR A 120 11.25 11.37 -27.96
C THR A 120 12.44 12.06 -27.31
N ARG A 121 13.60 11.40 -27.38
CA ARG A 121 14.80 11.94 -26.74
C ARG A 121 15.19 13.28 -27.36
N ALA A 122 15.16 13.36 -28.70
CA ALA A 122 15.42 14.62 -29.38
C ALA A 122 14.35 15.65 -29.03
N GLY A 123 13.09 15.22 -28.95
CA GLY A 123 12.03 16.14 -28.54
C GLY A 123 12.15 16.55 -27.09
N LEU A 124 12.56 15.63 -26.22
CA LEU A 124 12.89 15.97 -24.83
C LEU A 124 13.92 17.07 -24.79
N LEU A 125 15.00 16.92 -25.56
CA LEU A 125 16.07 17.90 -25.56
C LEU A 125 15.60 19.24 -26.12
N GLN A 126 14.77 19.20 -27.17
CA GLN A 126 14.23 20.44 -27.73
C GLN A 126 13.35 21.16 -26.71
N SER A 127 12.51 20.40 -26.00
CA SER A 127 11.66 21.01 -24.99
C SER A 127 12.49 21.58 -23.84
N PHE A 128 13.55 20.88 -23.45
CA PHE A 128 14.43 21.40 -22.41
C PHE A 128 15.12 22.68 -22.86
N ASP A 129 15.52 22.74 -24.12
CA ASP A 129 16.16 23.96 -24.63
C ASP A 129 15.16 25.11 -24.69
N HIS A 130 13.91 24.83 -25.08
CA HIS A 130 12.88 25.86 -25.09
C HIS A 130 12.61 26.36 -23.67
N LEU A 131 12.61 25.46 -22.70
CA LEU A 131 12.36 25.86 -21.31
C LEU A 131 13.51 26.68 -20.75
N LEU A 132 14.76 26.28 -21.05
CA LEU A 132 15.91 27.08 -20.62
C LEU A 132 15.96 28.43 -21.32
N LYS A 133 15.44 28.52 -22.55
CA LYS A 133 15.29 29.81 -23.20
C LYS A 133 14.26 30.67 -22.47
N LYS A 134 13.13 30.08 -22.08
CA LYS A 134 12.09 30.83 -21.38
C LYS A 134 12.56 31.24 -19.99
N TYR A 135 12.86 30.26 -19.13
CA TYR A 135 13.37 30.52 -17.79
C TYR A 135 14.81 30.04 -17.69
N PRO A 136 15.79 30.90 -17.94
CA PRO A 136 17.19 30.48 -17.84
C PRO A 136 17.63 30.37 -16.38
N ASN A 137 18.73 29.64 -16.18
CA ASN A 137 19.31 29.48 -14.85
C ASN A 137 18.34 28.85 -13.86
N ASN A 138 17.43 28.01 -14.35
CA ASN A 138 16.49 27.29 -13.50
C ASN A 138 17.15 25.98 -13.06
N GLY A 139 17.34 25.83 -11.74
CA GLY A 139 18.12 24.71 -11.24
C GLY A 139 17.53 23.36 -11.62
N GLN A 140 16.22 23.22 -11.43
CA GLN A 140 15.58 21.93 -11.71
C GLN A 140 15.63 21.59 -13.20
N LEU A 141 15.47 22.60 -14.05
CA LEU A 141 15.54 22.37 -15.50
C LEU A 141 16.94 21.94 -15.92
N LEU A 142 17.97 22.60 -15.36
CA LEU A 142 19.34 22.19 -15.65
C LEU A 142 19.60 20.77 -15.16
N PHE A 143 19.07 20.43 -13.98
CA PHE A 143 19.24 19.09 -13.45
C PHE A 143 18.60 18.05 -14.36
N GLY A 144 17.39 18.32 -14.84
CA GLY A 144 16.74 17.39 -15.74
C GLY A 144 17.47 17.23 -17.06
N LYS A 145 17.92 18.35 -17.63
CA LYS A 145 18.66 18.28 -18.89
C LYS A 145 19.98 17.54 -18.71
N ALA A 146 20.65 17.73 -17.58
CA ALA A 146 21.89 16.99 -17.32
C ALA A 146 21.61 15.52 -17.14
N LEU A 147 20.51 15.17 -16.48
CA LEU A 147 20.12 13.77 -16.38
C LEU A 147 19.91 13.17 -17.77
N LEU A 148 19.22 13.91 -18.63
CA LEU A 148 18.97 13.44 -19.99
C LEU A 148 20.28 13.22 -20.74
N LEU A 149 21.20 14.19 -20.65
CA LEU A 149 22.46 14.09 -21.38
C LEU A 149 23.32 12.95 -20.85
N GLN A 150 23.36 12.76 -19.52
CA GLN A 150 24.16 11.69 -18.94
C GLN A 150 23.59 10.33 -19.29
N GLN A 151 22.25 10.19 -19.25
CA GLN A 151 21.64 8.92 -19.62
C GLN A 151 21.75 8.66 -21.12
N ASP A 152 21.86 9.72 -21.93
CA ASP A 152 22.00 9.55 -23.37
C ASP A 152 23.36 9.04 -23.78
N GLY A 153 24.29 8.89 -22.83
CA GLY A 153 25.62 8.40 -23.14
C GLY A 153 26.66 9.47 -23.40
N ARG A 154 26.42 10.70 -22.95
CA ARG A 154 27.36 11.81 -23.13
C ARG A 154 27.52 12.56 -21.82
N PRO A 155 28.25 11.96 -20.86
CA PRO A 155 28.36 12.62 -19.54
C PRO A 155 29.19 13.89 -19.54
N ASP A 156 30.27 13.94 -20.33
CA ASP A 156 31.14 15.11 -20.31
C ASP A 156 30.43 16.37 -20.82
N GLU A 157 29.56 16.21 -21.84
CA GLU A 157 28.81 17.37 -22.31
C GLU A 157 27.86 17.87 -21.23
N ALA A 158 27.24 16.96 -20.48
CA ALA A 158 26.39 17.37 -19.37
C ALA A 158 27.19 18.11 -18.30
N LEU A 159 28.38 17.62 -17.98
CA LEU A 159 29.22 18.31 -17.01
C LEU A 159 29.61 19.70 -17.51
N THR A 160 29.91 19.83 -18.80
CA THR A 160 30.24 21.12 -19.38
C THR A 160 29.05 22.07 -19.34
N LEU A 161 27.84 21.53 -19.57
CA LEU A 161 26.63 22.34 -19.44
C LEU A 161 26.45 22.81 -18.02
N LEU A 162 26.74 21.95 -17.04
CA LEU A 162 26.63 22.33 -15.64
C LEU A 162 27.63 23.40 -15.26
N GLU A 163 28.86 23.33 -15.80
CA GLU A 163 29.88 24.30 -15.44
C GLU A 163 29.50 25.71 -15.86
N ASP A 164 28.77 25.86 -16.97
CA ASP A 164 28.43 27.18 -17.49
C ASP A 164 27.33 27.86 -16.68
N ASN A 165 26.53 27.11 -15.94
CA ASN A 165 25.42 27.67 -15.20
C ASN A 165 25.84 27.92 -13.76
N SER A 166 25.48 29.10 -13.24
CA SER A 166 25.85 29.44 -11.87
C SER A 166 24.97 28.73 -10.85
N ALA A 167 23.72 28.44 -11.21
CA ALA A 167 22.82 27.74 -10.27
C ALA A 167 23.35 26.37 -9.90
N SER A 168 24.17 25.77 -10.76
CA SER A 168 24.79 24.48 -10.44
C SER A 168 25.66 24.56 -9.19
N ARG A 169 26.15 25.75 -8.85
CA ARG A 169 26.92 25.91 -7.62
C ARG A 169 26.02 26.04 -6.40
N HIS A 170 24.77 26.48 -6.57
CA HIS A 170 23.88 26.78 -5.45
C HIS A 170 22.83 25.70 -5.19
N GLU A 171 22.06 25.32 -6.21
CA GLU A 171 20.99 24.35 -6.02
C GLU A 171 21.54 22.97 -5.66
N VAL A 172 20.78 22.24 -4.85
CA VAL A 172 21.30 21.02 -4.24
C VAL A 172 21.36 19.87 -5.24
N ALA A 173 20.31 19.68 -6.05
CA ALA A 173 20.31 18.55 -6.97
C ALA A 173 21.31 18.74 -8.11
N PRO A 174 21.39 19.91 -8.78
CA PRO A 174 22.45 20.07 -9.78
C PRO A 174 23.84 19.96 -9.19
N LEU A 175 24.06 20.47 -7.98
CA LEU A 175 25.37 20.33 -7.34
C LEU A 175 25.70 18.87 -7.08
N LEU A 176 24.72 18.10 -6.60
CA LEU A 176 24.94 16.69 -6.33
C LEU A 176 25.28 15.93 -7.62
N LEU A 177 24.52 16.22 -8.70
CA LEU A 177 24.77 15.54 -9.96
C LEU A 177 26.12 15.93 -10.55
N ARG A 178 26.51 17.20 -10.43
CA ARG A 178 27.81 17.63 -10.91
C ARG A 178 28.93 16.95 -10.13
N SER A 179 28.75 16.78 -8.81
CA SER A 179 29.78 16.12 -8.01
C SER A 179 29.92 14.66 -8.40
N ARG A 180 28.81 13.93 -8.51
CA ARG A 180 28.92 12.52 -8.89
C ARG A 180 29.36 12.36 -10.34
N LEU A 181 29.15 13.37 -11.19
CA LEU A 181 29.69 13.32 -12.54
C LEU A 181 31.19 13.52 -12.54
N LEU A 182 31.68 14.50 -11.77
CA LEU A 182 33.11 14.75 -11.67
C LEU A 182 33.84 13.56 -11.06
N GLN A 183 33.19 12.86 -10.13
CA GLN A 183 33.82 11.67 -9.53
C GLN A 183 33.99 10.55 -10.56
N SER A 184 33.05 10.42 -11.50
CA SER A 184 33.16 9.40 -12.53
C SER A 184 34.18 9.75 -13.60
N LYS A 186 37.07 10.53 -12.93
CA LYS A 186 38.31 10.24 -12.21
C LYS A 186 39.00 11.52 -11.74
N ARG A 187 38.24 12.58 -11.52
CA ARG A 187 38.74 13.82 -10.95
C ARG A 187 37.84 14.22 -9.77
N SER A 188 37.77 13.33 -8.78
CA SER A 188 36.89 13.54 -7.64
C SER A 188 37.33 14.74 -6.78
N ASP A 189 38.62 15.05 -6.76
CA ASP A 189 39.12 16.15 -5.94
C ASP A 189 38.45 17.49 -6.27
N GLU A 190 38.12 17.71 -7.55
CA GLU A 190 37.47 18.97 -7.94
C GLU A 190 36.10 19.12 -7.30
N ALA A 191 35.46 18.01 -6.92
CA ALA A 191 34.17 18.04 -6.27
C ALA A 191 34.25 18.32 -4.78
N LEU A 192 35.45 18.23 -4.20
CA LEU A 192 35.58 18.47 -2.76
C LEU A 192 35.15 19.88 -2.35
N PRO A 193 35.64 20.97 -2.95
CA PRO A 193 35.24 22.30 -2.45
C PRO A 193 33.77 22.60 -2.64
N LEU A 194 33.19 22.22 -3.78
CA LEU A 194 31.80 22.53 -4.06
C LEU A 194 30.88 21.99 -2.97
N LEU A 195 31.07 20.72 -2.59
CA LEU A 195 30.26 20.15 -1.53
C LEU A 195 30.37 20.96 -0.25
N LYS A 196 31.58 21.42 0.06
CA LYS A 196 31.75 22.29 1.23
C LYS A 196 30.89 23.53 1.10
N ALA A 197 30.95 24.18 -0.06
CA ALA A 197 30.13 25.36 -0.31
C ALA A 197 28.65 25.04 -0.16
N GLY A 198 28.25 23.82 -0.52
CA GLY A 198 26.85 23.45 -0.35
C GLY A 198 26.43 23.47 1.10
N ILE A 199 27.30 22.98 1.99
CA ILE A 199 26.96 23.03 3.40
C ILE A 199 26.97 24.47 3.89
N LYS A 200 27.69 25.35 3.20
CA LYS A 200 27.61 26.77 3.52
C LYS A 200 26.22 27.31 3.18
N GLU A 201 25.63 26.83 2.09
CA GLU A 201 24.33 27.33 1.66
C GLU A 201 23.17 26.55 2.25
N HIS A 202 23.34 25.24 2.47
CA HIS A 202 22.29 24.37 3.01
C HIS A 202 22.84 23.58 4.18
N PRO A 203 22.91 24.18 5.36
CA PRO A 203 23.45 23.45 6.51
C PRO A 203 22.54 22.33 6.95
N ASP A 204 21.23 22.57 7.01
CA ASP A 204 20.29 21.56 7.48
C ASP A 204 19.98 20.49 6.43
N ASP A 205 20.42 20.66 5.19
CA ASP A 205 20.18 19.65 4.16
C ASP A 205 21.07 18.43 4.42
N LYS A 206 20.45 17.29 4.73
CA LYS A 206 21.20 16.11 5.12
C LYS A 206 21.86 15.41 3.95
N ARG A 207 21.25 15.44 2.76
CA ARG A 207 21.82 14.75 1.61
C ARG A 207 23.15 15.39 1.18
N VAL A 208 23.26 16.71 1.26
CA VAL A 208 24.49 17.38 0.89
C VAL A 208 25.63 16.96 1.81
N ARG A 209 25.36 16.93 3.12
CA ARG A 209 26.38 16.52 4.07
C ARG A 209 26.73 15.05 3.90
N LEU A 210 25.74 14.22 3.59
CA LEU A 210 26.01 12.80 3.35
C LEU A 210 26.90 12.61 2.13
N ALA A 211 26.64 13.38 1.07
CA ALA A 211 27.51 13.32 -0.11
C ALA A 211 28.90 13.81 0.20
N TYR A 212 29.02 14.87 1.00
CA TYR A 212 30.33 15.33 1.44
C TYR A 212 31.08 14.25 2.18
N ALA A 213 30.38 13.55 3.08
CA ALA A 213 31.02 12.48 3.83
C ALA A 213 31.42 11.33 2.91
N ARG A 214 30.57 11.00 1.93
CA ARG A 214 30.91 9.94 0.99
C ARG A 214 32.12 10.32 0.13
N LEU A 215 32.25 11.60 -0.21
CA LEU A 215 33.41 12.04 -0.97
C LEU A 215 34.66 12.02 -0.11
N LEU A 216 34.54 12.34 1.18
CA LEU A 216 35.66 12.17 2.09
C LEU A 216 36.08 10.71 2.18
N VAL A 217 35.11 9.80 2.23
CA VAL A 217 35.41 8.37 2.22
C VAL A 217 36.11 7.98 0.92
N GLU A 218 35.72 8.61 -0.20
CA GLU A 218 36.36 8.31 -1.47
C GLU A 218 37.86 8.60 -1.42
N GLN A 219 38.25 9.74 -0.84
CA GLN A 219 39.66 10.00 -0.63
C GLN A 219 40.17 9.19 0.55
N ASN A 220 41.49 9.20 0.74
CA ASN A 220 42.05 8.50 1.88
C ASN A 220 41.78 9.23 3.19
N ARG A 221 41.31 10.48 3.13
CA ARG A 221 41.06 11.25 4.34
C ARG A 221 39.64 10.93 4.81
N LEU A 222 39.52 9.79 5.48
CA LEU A 222 38.27 9.32 6.05
C LEU A 222 38.09 9.72 7.51
N ASP A 223 39.14 10.24 8.15
CA ASP A 223 39.05 10.58 9.56
C ASP A 223 38.03 11.69 9.78
N ASP A 224 38.01 12.68 8.88
CA ASP A 224 37.02 13.74 8.95
C ASP A 224 35.62 13.23 8.62
N ALA A 225 35.52 12.17 7.82
CA ALA A 225 34.21 11.60 7.51
C ALA A 225 33.53 11.05 8.75
N LYS A 226 34.30 10.50 9.70
CA LYS A 226 33.71 10.06 10.95
C LYS A 226 33.17 11.23 11.75
N ALA A 227 33.88 12.37 11.73
CA ALA A 227 33.38 13.57 12.37
C ALA A 227 32.11 14.07 11.70
N GLU A 228 32.03 13.97 10.37
CA GLU A 228 30.82 14.35 9.66
C GLU A 228 29.66 13.45 10.05
N PHE A 229 29.91 12.14 10.19
CA PHE A 229 28.89 11.22 10.67
C PHE A 229 28.40 11.64 12.06
N ALA A 230 29.34 11.95 12.95
CA ALA A 230 28.98 12.39 14.29
C ALA A 230 28.14 13.66 14.24
N GLY A 231 28.50 14.60 13.37
CA GLY A 231 27.73 15.83 13.25
C GLY A 231 26.32 15.59 12.73
N LEU A 232 26.19 14.69 11.75
CA LEU A 232 24.86 14.34 11.25
C LEU A 232 24.01 13.72 12.35
N VAL A 233 24.60 12.82 13.15
CA VAL A 233 23.85 12.20 14.22
C VAL A 233 23.51 13.23 15.29
N GLN A 234 24.40 14.19 15.52
CA GLN A 234 24.15 15.23 16.52
C GLN A 234 23.00 16.14 16.11
N GLN A 235 22.95 16.54 14.84
CA GLN A 235 21.91 17.48 14.42
C GLN A 235 20.56 16.78 14.24
N PHE A 236 20.57 15.55 13.72
CA PHE A 236 19.34 14.79 13.46
C PHE A 236 19.49 13.39 14.03
N PRO A 237 19.36 13.23 15.35
CA PRO A 237 19.45 11.88 15.95
C PRO A 237 18.20 11.04 15.78
N ASP A 238 17.10 11.62 15.27
CA ASP A 238 15.85 10.88 15.12
C ASP A 238 15.65 10.27 13.75
N ASP A 239 16.33 10.78 12.72
CA ASP A 239 16.17 10.29 11.37
C ASP A 239 16.71 8.86 11.26
N ASP A 240 15.80 7.90 11.13
CA ASP A 240 16.19 6.49 11.08
C ASP A 240 16.78 6.10 9.73
N ASP A 241 16.23 6.65 8.63
CA ASP A 241 16.78 6.37 7.32
C ASP A 241 18.17 6.99 7.15
N LEU A 242 18.35 8.20 7.68
CA LEU A 242 19.68 8.81 7.65
C LEU A 242 20.67 8.02 8.47
N ARG A 243 20.25 7.54 9.65
CA ARG A 243 21.15 6.73 10.46
C ARG A 243 21.48 5.41 9.78
N PHE A 244 20.51 4.82 9.07
CA PHE A 244 20.80 3.59 8.33
C PHE A 244 21.76 3.84 7.19
N SER A 245 21.59 4.95 6.46
CA SER A 245 22.52 5.27 5.39
C SER A 245 23.92 5.56 5.95
N LEU A 246 24.00 6.21 7.11
CA LEU A 246 25.30 6.45 7.72
C LEU A 246 25.96 5.15 8.14
N ALA A 247 25.18 4.22 8.69
CA ALA A 247 25.72 2.91 9.02
C ALA A 247 26.20 2.20 7.75
N LEU A 248 25.46 2.34 6.65
CA LEU A 248 25.85 1.69 5.40
C LEU A 248 27.16 2.26 4.85
N VAL A 249 27.29 3.59 4.82
CA VAL A 249 28.53 4.17 4.30
C VAL A 249 29.70 3.85 5.21
N CYS A 250 29.49 3.85 6.54
CA CYS A 250 30.56 3.47 7.44
C CYS A 250 30.93 2.01 7.30
N LEU A 251 29.95 1.15 7.00
CA LEU A 251 30.19 -0.26 6.75
C LEU A 251 30.92 -0.47 5.43
N GLU A 252 30.73 0.43 4.46
CA GLU A 252 31.46 0.32 3.20
C GLU A 252 32.93 0.67 3.39
N ALA A 253 33.22 1.64 4.25
CA ALA A 253 34.60 2.04 4.50
C ALA A 253 35.30 1.16 5.53
N GLN A 254 34.74 -0.04 5.78
CA GLN A 254 35.29 -1.07 6.67
C GLN A 254 35.72 -0.52 8.04
N ALA A 255 35.07 0.56 8.48
CA ALA A 255 35.23 1.06 9.85
C ALA A 255 34.14 0.43 10.70
N TRP A 256 34.39 -0.82 11.09
CA TRP A 256 33.33 -1.67 11.65
C TRP A 256 32.77 -1.14 12.97
N ASP A 257 33.59 -0.44 13.76
CA ASP A 257 33.16 -0.05 15.10
C ASP A 257 31.98 0.94 15.05
N GLU A 258 32.14 2.04 14.31
CA GLU A 258 31.08 3.04 14.25
C GLU A 258 29.84 2.48 13.55
N ALA A 259 30.03 1.63 12.55
CA ALA A 259 28.90 1.00 11.87
C ALA A 259 28.11 0.11 12.82
N ARG A 260 28.81 -0.70 13.62
CA ARG A 260 28.14 -1.53 14.62
C ARG A 260 27.41 -0.66 15.64
N ILE A 261 28.01 0.46 16.02
CA ILE A 261 27.36 1.38 16.94
C ILE A 261 26.04 1.89 16.36
N TYR A 262 26.08 2.32 15.09
CA TYR A 262 24.87 2.84 14.45
C TYR A 262 23.82 1.76 14.28
N LEU A 263 24.24 0.53 13.98
CA LEU A 263 23.29 -0.56 13.82
C LEU A 263 22.62 -0.91 15.14
N GLU A 264 23.40 -0.98 16.22
CA GLU A 264 22.79 -1.22 17.53
C GLU A 264 21.89 -0.07 17.95
N GLU A 265 22.23 1.17 17.58
CA GLU A 265 21.34 2.29 17.84
C GLU A 265 20.02 2.13 17.10
N LEU A 266 20.08 1.71 15.82
CA LEU A 266 18.86 1.44 15.07
C LEU A 266 18.05 0.31 15.69
N VAL A 267 18.74 -0.67 16.27
CA VAL A 267 18.05 -1.75 16.96
C VAL A 267 17.31 -1.21 18.19
N GLU A 268 17.96 -0.30 18.92
CA GLU A 268 17.33 0.26 20.12
C GLU A 268 16.12 1.11 19.78
N ARG A 269 16.13 1.80 18.64
CA ARG A 269 15.02 2.64 18.25
C ARG A 269 13.91 1.88 17.52
N ASP A 270 14.11 0.58 17.25
CA ASP A 270 13.08 -0.26 16.64
C ASP A 270 12.65 0.24 15.27
N SER A 271 13.63 0.52 14.41
CA SER A 271 13.37 0.93 13.04
C SER A 271 14.34 0.22 12.13
N HIS A 272 13.84 -0.32 11.03
CA HIS A 272 14.64 -1.11 10.09
C HIS A 272 15.36 -2.23 10.83
N VAL A 273 14.60 -2.96 11.65
CA VAL A 273 15.20 -3.91 12.57
C VAL A 273 15.77 -5.11 11.80
N ASP A 274 15.02 -5.63 10.82
CA ASP A 274 15.49 -6.78 10.08
C ASP A 274 16.71 -6.44 9.24
N ALA A 275 16.68 -5.30 8.55
CA ALA A 275 17.85 -4.86 7.79
C ALA A 275 19.03 -4.58 8.69
N ALA A 276 18.78 -3.99 9.86
CA ALA A 276 19.88 -3.72 10.80
C ALA A 276 20.54 -5.01 11.26
N HIS A 277 19.74 -6.01 11.63
CA HIS A 277 20.31 -7.28 12.07
C HIS A 277 21.00 -8.00 10.91
N PHE A 278 20.46 -7.88 9.70
CA PHE A 278 21.13 -8.48 8.54
C PHE A 278 22.50 -7.86 8.31
N ASN A 279 22.59 -6.53 8.42
CA ASN A 279 23.88 -5.88 8.23
C ASN A 279 24.83 -6.19 9.38
N LEU A 280 24.31 -6.34 10.60
CA LEU A 280 25.14 -6.77 11.71
C LEU A 280 25.68 -8.18 11.48
N GLY A 281 24.85 -9.06 10.91
CA GLY A 281 25.32 -10.39 10.59
C GLY A 281 26.40 -10.38 9.51
N ARG A 282 26.22 -9.55 8.49
CA ARG A 282 27.26 -9.42 7.47
C ARG A 282 28.57 -8.90 8.07
N LEU A 283 28.47 -7.91 8.96
CA LEU A 283 29.66 -7.37 9.62
C LEU A 283 30.35 -8.43 10.47
N ALA A 284 29.56 -9.21 11.22
CA ALA A 284 30.15 -10.28 12.03
C ALA A 284 30.77 -11.37 11.16
N GLU A 285 30.18 -11.64 9.99
CA GLU A 285 30.81 -12.57 9.06
C GLU A 285 32.14 -12.03 8.56
N GLU A 286 32.24 -10.72 8.34
CA GLU A 286 33.53 -10.13 8.00
C GLU A 286 34.50 -10.20 9.17
N GLN A 287 33.98 -10.12 10.40
CA GLN A 287 34.81 -10.22 11.60
C GLN A 287 35.17 -11.66 11.96
N LYS A 288 34.76 -12.63 11.15
CA LYS A 288 35.01 -14.05 11.40
C LYS A 288 34.43 -14.51 12.75
N ASP A 289 33.37 -13.85 13.19
CA ASP A 289 32.65 -14.23 14.42
C ASP A 289 31.42 -15.02 13.97
N THR A 290 31.59 -16.35 13.87
CA THR A 290 30.52 -17.18 13.33
C THR A 290 29.30 -17.21 14.24
N ALA A 291 29.51 -17.24 15.56
CA ALA A 291 28.39 -17.32 16.48
C ALA A 291 27.52 -16.07 16.43
N ARG A 292 28.15 -14.90 16.44
CA ARG A 292 27.38 -13.65 16.38
C ARG A 292 26.67 -13.52 15.03
N ALA A 293 27.36 -13.85 13.94
CA ALA A 293 26.74 -13.77 12.62
C ALA A 293 25.52 -14.69 12.52
N LEU A 294 25.63 -15.90 13.08
CA LEU A 294 24.50 -16.82 13.06
C LEU A 294 23.35 -16.30 13.93
N ASP A 295 23.66 -15.85 15.15
CA ASP A 295 22.62 -15.36 16.04
C ASP A 295 21.93 -14.12 15.47
N GLU A 296 22.63 -13.34 14.65
CA GLU A 296 22.02 -12.18 14.02
C GLU A 296 21.24 -12.55 12.77
N TYR A 297 21.70 -13.56 12.01
CA TYR A 297 20.94 -14.02 10.86
C TYR A 297 19.66 -14.72 11.27
N ALA A 298 19.65 -15.36 12.45
CA ALA A 298 18.47 -16.08 12.88
C ALA A 298 17.33 -15.14 13.24
N GLN A 299 17.65 -13.94 13.75
CA GLN A 299 16.64 -12.98 14.18
C GLN A 299 16.26 -11.98 13.09
N VAL A 300 16.37 -12.36 11.82
CA VAL A 300 15.99 -11.50 10.70
C VAL A 300 14.57 -11.87 10.30
N GLY A 301 13.64 -10.92 10.46
CA GLY A 301 12.25 -11.17 10.17
C GLY A 301 11.97 -11.28 8.69
N PRO A 302 10.77 -11.78 8.35
CA PRO A 302 10.41 -11.92 6.94
C PRO A 302 10.25 -10.57 6.27
N GLY A 303 10.68 -10.50 5.02
CA GLY A 303 10.60 -9.27 4.26
C GLY A 303 11.60 -9.29 3.12
N ASN A 304 12.05 -8.10 2.75
CA ASN A 304 13.02 -7.95 1.68
C ASN A 304 14.44 -8.32 2.11
N ASP A 305 14.61 -8.84 3.33
CA ASP A 305 15.92 -9.20 3.85
C ASP A 305 15.94 -10.59 4.47
N PHE A 306 14.84 -11.35 4.39
CA PHE A 306 14.82 -12.68 4.98
C PHE A 306 15.59 -13.68 4.13
N LEU A 307 15.36 -13.65 2.81
CA LEU A 307 16.09 -14.56 1.93
C LEU A 307 17.60 -14.30 1.92
N PRO A 308 18.09 -13.06 1.85
CA PRO A 308 19.55 -12.87 1.94
C PRO A 308 20.12 -13.36 3.26
N ALA A 309 19.40 -13.16 4.37
CA ALA A 309 19.87 -13.64 5.66
C ALA A 309 19.93 -15.17 5.68
N GLN A 310 18.92 -15.83 5.14
CA GLN A 310 18.94 -17.29 5.08
C GLN A 310 20.10 -17.78 4.21
N LEU A 311 20.35 -17.11 3.09
CA LEU A 311 21.44 -17.53 2.20
C LEU A 311 22.79 -17.35 2.89
N ARG A 312 22.97 -16.23 3.59
CA ARG A 312 24.22 -16.00 4.30
C ARG A 312 24.41 -17.01 5.43
N GLN A 313 23.33 -17.34 6.14
CA GLN A 313 23.41 -18.38 7.16
C GLN A 313 23.81 -19.72 6.56
N THR A 314 23.21 -20.08 5.43
CA THR A 314 23.55 -21.35 4.78
C THR A 314 24.99 -21.36 4.31
N ASP A 315 25.47 -20.22 3.79
CA ASP A 315 26.85 -20.16 3.32
C ASP A 315 27.84 -20.28 4.48
N VAL A 316 27.57 -19.59 5.59
CA VAL A 316 28.45 -19.72 6.75
C VAL A 316 28.41 -21.14 7.30
N LEU A 317 27.22 -21.76 7.28
CA LEU A 317 27.10 -23.14 7.76
C LEU A 317 27.89 -24.10 6.87
N LEU A 318 27.91 -23.85 5.56
CA LEU A 318 28.69 -24.68 4.66
C LEU A 318 30.19 -24.41 4.80
N LYS A 319 30.57 -23.17 5.12
CA LYS A 319 31.96 -22.88 5.43
C LYS A 319 32.41 -23.63 6.69
N ALA A 320 31.52 -23.74 7.67
CA ALA A 320 31.87 -24.48 8.88
C ALA A 320 31.92 -25.98 8.65
N GLY A 321 31.28 -26.48 7.59
CA GLY A 321 31.30 -27.88 7.26
C GLY A 321 30.16 -28.69 7.85
N ARG A 322 29.40 -28.12 8.79
CA ARG A 322 28.27 -28.82 9.41
C ARG A 322 27.05 -28.69 8.50
N VAL A 323 27.05 -29.51 7.45
CA VAL A 323 25.96 -29.48 6.47
C VAL A 323 24.68 -30.00 7.10
N ASP A 324 24.77 -30.88 8.09
CA ASP A 324 23.57 -31.39 8.75
C ASP A 324 22.83 -30.27 9.48
N GLU A 325 23.57 -29.45 10.23
CA GLU A 325 22.96 -28.31 10.89
C GLU A 325 22.41 -27.30 9.90
N ALA A 326 23.09 -27.13 8.75
CA ALA A 326 22.58 -26.24 7.72
C ALA A 326 21.24 -26.72 7.19
N ALA A 327 21.15 -28.00 6.83
CA ALA A 327 19.89 -28.55 6.34
C ALA A 327 18.80 -28.48 7.39
N GLN A 328 19.15 -28.73 8.66
CA GLN A 328 18.15 -28.68 9.72
C GLN A 328 17.64 -27.25 9.93
N ARG A 329 18.53 -26.26 9.92
CA ARG A 329 18.11 -24.88 10.08
C ARG A 329 17.27 -24.43 8.90
N LEU A 330 17.63 -24.85 7.68
CA LEU A 330 16.84 -24.47 6.51
C LEU A 330 15.46 -25.12 6.54
N ASP A 331 15.39 -26.38 6.98
CA ASP A 331 14.08 -27.03 7.09
C ASP A 331 13.22 -26.39 8.17
N LYS A 332 13.83 -26.02 9.30
CA LYS A 332 13.08 -25.33 10.35
C LYS A 332 12.59 -23.97 9.88
N ALA A 333 13.41 -23.25 9.12
CA ALA A 333 12.98 -21.96 8.59
C ALA A 333 11.89 -22.14 7.55
N ARG A 334 11.95 -23.22 6.76
CA ARG A 334 10.90 -23.51 5.79
C ARG A 334 9.59 -23.80 6.51
N SER A 335 9.64 -24.57 7.60
CA SER A 335 8.44 -24.85 8.38
C SER A 335 7.92 -23.60 9.07
N GLU A 336 8.81 -22.68 9.46
CA GLU A 336 8.37 -21.46 10.13
C GLU A 336 7.62 -20.55 9.17
N GLN A 337 8.22 -20.21 8.04
CA GLN A 337 7.60 -19.36 7.03
C GLN A 337 7.47 -20.12 5.72
N PRO A 338 6.33 -20.74 5.46
CA PRO A 338 6.14 -21.50 4.21
C PRO A 338 5.62 -20.69 3.04
N ASP A 339 5.61 -19.36 3.12
CA ASP A 339 5.05 -18.57 2.04
C ASP A 339 5.92 -18.68 0.78
N TYR A 340 7.23 -18.55 0.94
CA TYR A 340 8.17 -18.71 -0.15
C TYR A 340 9.15 -19.85 0.13
N ALA A 341 8.64 -20.96 0.66
CA ALA A 341 9.51 -22.11 0.95
C ALA A 341 10.26 -22.56 -0.30
N ILE A 342 9.65 -22.40 -1.48
CA ILE A 342 10.33 -22.69 -2.74
C ILE A 342 11.59 -21.85 -2.86
N GLN A 343 11.54 -20.60 -2.40
CA GLN A 343 12.73 -19.77 -2.42
C GLN A 343 13.77 -20.26 -1.43
N LEU A 344 13.34 -20.84 -0.30
CA LEU A 344 14.28 -21.47 0.62
C LEU A 344 14.97 -22.67 -0.04
N TYR A 345 14.22 -23.45 -0.81
CA TYR A 345 14.83 -24.56 -1.55
C TYR A 345 15.79 -24.04 -2.61
N LEU A 346 15.47 -22.93 -3.25
CA LEU A 346 16.40 -22.31 -4.20
C LEU A 346 17.68 -21.86 -3.48
N ILE A 347 17.52 -21.30 -2.27
CA ILE A 347 18.68 -20.93 -1.45
C ILE A 347 19.56 -22.14 -1.18
N GLU A 348 18.94 -23.25 -0.78
CA GLU A 348 19.69 -24.47 -0.49
C GLU A 348 20.43 -24.95 -1.72
N ALA A 349 19.76 -24.97 -2.87
CA ALA A 349 20.39 -25.42 -4.11
C ALA A 349 21.57 -24.53 -4.50
N GLU A 350 21.40 -23.21 -4.40
CA GLU A 350 22.47 -22.29 -4.75
C GLU A 350 23.67 -22.46 -3.83
N ALA A 351 23.41 -22.57 -2.52
CA ALA A 351 24.51 -22.75 -1.57
C ALA A 351 25.24 -24.06 -1.81
N LEU A 352 24.51 -25.14 -2.04
CA LEU A 352 25.16 -26.43 -2.27
C LEU A 352 25.90 -26.47 -3.59
N SER A 353 25.45 -25.71 -4.60
CA SER A 353 26.16 -25.67 -5.87
C SER A 353 27.39 -24.76 -5.81
N ASN A 354 27.39 -23.77 -4.92
CA ASN A 354 28.52 -22.86 -4.79
C ASN A 354 29.57 -23.34 -3.81
N ASN A 355 29.35 -24.47 -3.13
CA ASN A 355 30.34 -25.01 -2.19
C ASN A 355 30.76 -26.43 -2.54
N ASP A 356 30.50 -26.88 -3.76
CA ASP A 356 30.94 -28.19 -4.27
C ASP A 356 30.30 -29.35 -3.48
N GLN A 357 28.95 -29.41 -3.55
CA GLN A 357 28.15 -30.53 -3.03
C GLN A 357 27.11 -30.89 -4.09
N GLN A 358 27.58 -31.42 -5.22
CA GLN A 358 26.69 -31.65 -6.37
C GLN A 358 25.61 -32.68 -6.03
N GLU A 359 26.00 -33.79 -5.39
CA GLU A 359 25.03 -34.81 -5.05
C GLU A 359 24.03 -34.30 -4.02
N LYS A 360 24.50 -33.56 -3.01
CA LYS A 360 23.59 -33.02 -2.01
C LYS A 360 22.68 -31.95 -2.61
N ALA A 361 23.19 -31.17 -3.57
CA ALA A 361 22.35 -30.20 -4.26
C ALA A 361 21.24 -30.90 -5.04
N TRP A 362 21.60 -31.96 -5.77
CA TRP A 362 20.59 -32.71 -6.51
C TRP A 362 19.57 -33.34 -5.58
N GLN A 363 20.02 -33.83 -4.42
CA GLN A 363 19.09 -34.43 -3.48
C GLN A 363 18.15 -33.40 -2.87
N ALA A 364 18.66 -32.20 -2.56
CA ALA A 364 17.81 -31.15 -2.03
C ALA A 364 16.79 -30.69 -3.06
N ILE A 365 17.21 -30.60 -4.33
CA ILE A 365 16.27 -30.22 -5.38
C ILE A 365 15.22 -31.30 -5.59
N GLN A 366 15.62 -32.58 -5.50
CA GLN A 366 14.66 -33.67 -5.60
C GLN A 366 13.65 -33.60 -4.47
N GLU A 367 14.12 -33.29 -3.25
CA GLU A 367 13.21 -33.13 -2.12
C GLU A 367 12.24 -31.96 -2.36
N GLY A 368 12.77 -30.83 -2.83
CA GLY A 368 11.91 -29.69 -3.11
C GLY A 368 10.86 -29.98 -4.16
N LEU A 369 11.21 -30.76 -5.19
CA LEU A 369 10.23 -31.09 -6.21
C LEU A 369 9.23 -32.12 -5.69
N LYS A 370 9.68 -33.05 -4.86
CA LYS A 370 8.74 -33.96 -4.22
C LYS A 370 7.72 -33.21 -3.38
N GLN A 371 8.16 -32.14 -2.70
CA GLN A 371 7.24 -31.34 -1.90
C GLN A 371 6.38 -30.42 -2.76
N TYR A 372 6.96 -29.82 -3.80
CA TYR A 372 6.24 -28.91 -4.70
C TYR A 372 6.49 -29.34 -6.14
N PRO A 373 5.71 -30.28 -6.65
CA PRO A 373 5.93 -30.77 -8.03
C PRO A 373 5.56 -29.76 -9.10
N GLU A 374 4.84 -28.69 -8.77
CA GLU A 374 4.36 -27.75 -9.78
C GLU A 374 5.15 -26.46 -9.83
N ASP A 375 6.10 -26.24 -8.93
CA ASP A 375 6.87 -25.01 -8.92
C ASP A 375 7.73 -24.93 -10.18
N LEU A 376 7.47 -23.93 -11.02
CA LEU A 376 8.15 -23.83 -12.31
C LEU A 376 9.61 -23.42 -12.18
N ASN A 377 9.99 -22.78 -11.08
CA ASN A 377 11.40 -22.48 -10.85
C ASN A 377 12.17 -23.71 -10.37
N LEU A 378 11.54 -24.56 -9.56
CA LEU A 378 12.24 -25.71 -8.98
C LEU A 378 12.66 -26.72 -10.04
N LEU A 379 11.76 -27.06 -10.98
CA LEU A 379 12.16 -28.02 -11.99
C LEU A 379 13.17 -27.42 -12.96
N TYR A 380 13.12 -26.10 -13.19
CA TYR A 380 14.14 -25.47 -14.01
C TYR A 380 15.50 -25.54 -13.33
N THR A 381 15.54 -25.34 -12.02
CA THR A 381 16.78 -25.52 -11.28
C THR A 381 17.26 -26.97 -11.35
N ARG A 382 16.31 -27.91 -11.32
CA ARG A 382 16.67 -29.32 -11.52
C ARG A 382 17.27 -29.53 -12.91
N SER A 383 16.71 -28.84 -13.91
CA SER A 383 17.24 -28.94 -15.29
C SER A 383 18.71 -28.50 -15.29
N LEU A 385 20.88 -28.24 -12.82
CA LEU A 385 21.72 -29.19 -12.02
C LEU A 385 22.00 -30.46 -12.83
N ALA A 386 20.98 -30.97 -13.55
CA ALA A 386 21.16 -32.20 -14.35
C ALA A 386 22.07 -31.88 -15.53
N GLU A 387 21.95 -30.69 -16.12
CA GLU A 387 22.85 -30.32 -17.21
C GLU A 387 24.28 -30.22 -16.72
N LYS A 388 24.49 -29.72 -15.51
CA LYS A 388 25.83 -29.71 -14.93
C LYS A 388 26.31 -31.13 -14.63
N ARG A 389 25.39 -32.05 -14.38
CA ARG A 389 25.72 -33.45 -14.13
C ARG A 389 25.82 -34.27 -15.42
N ASN A 390 25.83 -33.62 -16.59
CA ASN A 390 25.92 -34.24 -17.90
C ASN A 390 24.68 -35.09 -18.20
N ASP A 391 23.67 -35.03 -17.33
CA ASP A 391 22.41 -35.76 -17.50
C ASP A 391 21.48 -34.98 -18.43
N LEU A 392 21.56 -35.27 -19.73
CA LEU A 392 20.71 -34.59 -20.71
C LEU A 392 19.28 -35.10 -20.65
N ALA A 393 19.06 -36.35 -20.23
CA ALA A 393 17.72 -36.93 -20.21
C ALA A 393 16.80 -36.20 -19.23
N GLN A 394 17.21 -36.13 -17.97
CA GLN A 394 16.40 -35.40 -16.97
C GLN A 394 16.28 -33.95 -17.43
N GLU A 396 16.19 -32.67 -20.43
CA GLU A 396 15.16 -32.55 -21.49
C GLU A 396 13.78 -32.75 -20.87
N LYS A 397 13.58 -33.80 -20.05
CA LYS A 397 12.26 -34.12 -19.52
C LYS A 397 11.64 -32.93 -18.80
N ASP A 398 12.35 -32.38 -17.81
CA ASP A 398 11.75 -31.27 -17.06
C ASP A 398 11.63 -30.00 -17.89
N LEU A 399 12.55 -29.77 -18.84
CA LEU A 399 12.43 -28.56 -19.65
C LEU A 399 11.26 -28.65 -20.61
N ARG A 400 11.03 -29.83 -21.20
CA ARG A 400 9.80 -30.01 -21.98
C ARG A 400 8.57 -29.86 -21.10
N PHE A 401 8.66 -30.37 -19.86
CA PHE A 401 7.54 -30.22 -18.92
C PHE A 401 7.21 -28.74 -18.70
N VAL A 402 8.22 -27.92 -18.42
CA VAL A 402 7.95 -26.53 -18.09
C VAL A 402 7.53 -25.73 -19.32
N ILE A 403 8.10 -26.03 -20.49
CA ILE A 403 7.67 -25.31 -21.68
C ILE A 403 6.30 -25.77 -22.17
N ALA A 404 5.87 -26.97 -21.80
CA ALA A 404 4.51 -27.40 -22.13
C ALA A 404 3.48 -26.82 -21.16
N ARG A 405 3.81 -26.79 -19.87
CA ARG A 405 2.89 -26.21 -18.89
C ARG A 405 2.81 -24.70 -19.07
N GLU A 406 3.93 -24.05 -19.39
CA GLU A 406 3.96 -22.63 -19.68
C GLU A 406 4.49 -22.43 -21.10
N PRO A 407 3.61 -22.35 -22.09
CA PRO A 407 4.08 -22.18 -23.48
C PRO A 407 4.72 -20.83 -23.73
N ASP A 408 4.71 -19.93 -22.75
CA ASP A 408 5.21 -18.57 -22.94
C ASP A 408 6.30 -18.23 -21.92
N ASN A 409 7.10 -19.22 -21.52
CA ASN A 409 8.26 -19.01 -20.66
C ASN A 409 9.46 -18.88 -21.60
N ALA A 410 9.93 -17.64 -21.81
CA ALA A 410 10.95 -17.40 -22.81
C ALA A 410 12.25 -18.12 -22.45
N ALA A 412 13.33 -20.55 -20.40
CA ALA A 412 13.35 -22.00 -20.53
C ALA A 412 13.19 -22.42 -21.98
N LEU A 413 12.22 -21.82 -22.67
CA LEU A 413 12.08 -22.05 -24.10
C LEU A 413 13.38 -21.75 -24.82
N ASN A 414 14.08 -20.70 -24.40
CA ASN A 414 15.39 -20.40 -24.97
C ASN A 414 16.40 -21.49 -24.61
N ALA A 415 16.44 -21.87 -23.33
CA ALA A 415 17.49 -22.77 -22.85
C ALA A 415 17.54 -24.05 -23.67
N LEU A 416 16.40 -24.76 -23.74
CA LEU A 416 16.36 -26.00 -24.50
C LEU A 416 16.83 -25.77 -25.93
N GLY A 417 16.36 -24.69 -26.54
CA GLY A 417 16.75 -24.41 -27.91
C GLY A 417 18.25 -24.27 -28.05
N TYR A 418 18.90 -23.55 -27.13
CA TYR A 418 20.35 -23.42 -27.19
C TYR A 418 21.00 -24.78 -27.08
N THR A 419 20.52 -25.62 -26.15
CA THR A 419 21.08 -26.95 -26.02
C THR A 419 20.79 -27.78 -27.27
N LEU A 420 19.70 -27.47 -27.96
CA LEU A 420 19.45 -28.12 -29.24
C LEU A 420 20.52 -27.76 -30.27
N ALA A 421 20.94 -26.49 -30.28
CA ALA A 421 21.91 -26.07 -31.29
C ALA A 421 23.32 -26.49 -30.92
N ASP A 422 23.66 -26.50 -29.64
CA ASP A 422 25.05 -26.70 -29.21
C ASP A 422 25.43 -28.16 -29.10
N ARG A 423 24.51 -29.04 -28.67
CA ARG A 423 24.84 -30.42 -28.37
C ARG A 423 24.33 -31.40 -29.42
N THR A 424 23.02 -31.45 -29.65
CA THR A 424 22.44 -32.42 -30.57
C THR A 424 22.35 -31.82 -31.98
N THR A 425 21.73 -32.58 -32.89
CA THR A 425 21.62 -32.18 -34.29
C THR A 425 20.16 -32.09 -34.72
N ARG A 426 19.26 -31.81 -33.78
CA ARG A 426 17.86 -31.55 -34.09
C ARG A 426 17.74 -30.06 -34.41
N TYR A 427 18.19 -29.71 -35.62
CA TYR A 427 18.33 -28.31 -36.00
C TYR A 427 16.99 -27.66 -36.34
N GLY A 428 16.02 -28.43 -36.82
CA GLY A 428 14.75 -27.83 -37.20
C GLY A 428 13.97 -27.27 -36.02
N GLU A 429 13.91 -28.03 -34.92
CA GLU A 429 13.22 -27.54 -33.73
C GLU A 429 13.94 -26.33 -33.13
N ALA A 430 15.27 -26.34 -33.16
CA ALA A 430 16.04 -25.25 -32.56
C ALA A 430 15.78 -23.91 -33.24
N ARG A 431 15.64 -23.90 -34.57
CA ARG A 431 15.38 -22.64 -35.26
C ARG A 431 14.08 -22.01 -34.79
N GLU A 432 13.00 -22.79 -34.75
CA GLU A 432 11.73 -22.27 -34.28
C GLU A 432 11.79 -21.88 -32.80
N LEU A 433 12.46 -22.69 -31.99
CA LEU A 433 12.55 -22.42 -30.56
C LEU A 433 13.26 -21.10 -30.30
N ILE A 434 14.39 -20.88 -30.96
CA ILE A 434 15.14 -19.65 -30.76
C ILE A 434 14.41 -18.46 -31.37
N LEU A 435 13.70 -18.67 -32.49
CA LEU A 435 12.88 -17.60 -33.06
C LEU A 435 11.82 -17.15 -32.08
N LYS A 436 11.12 -18.11 -31.44
CA LYS A 436 10.11 -17.75 -30.45
C LYS A 436 10.75 -17.01 -29.27
N ALA A 437 11.90 -17.49 -28.80
CA ALA A 437 12.56 -16.81 -27.69
C ALA A 437 12.95 -15.38 -28.06
N HIS A 438 13.34 -15.18 -29.33
CA HIS A 438 13.72 -13.84 -29.78
C HIS A 438 12.52 -12.94 -29.92
N LYS A 439 11.39 -13.49 -30.38
CA LYS A 439 10.17 -12.70 -30.48
C LYS A 439 9.60 -12.36 -29.11
N LEU A 440 9.83 -13.20 -28.10
CA LEU A 440 9.26 -12.93 -26.78
C LEU A 440 9.99 -11.76 -26.11
N ASN A 441 11.32 -11.77 -26.15
CA ASN A 441 12.13 -10.71 -25.54
C ASN A 441 13.39 -10.53 -26.35
N PRO A 442 13.38 -9.63 -27.34
CA PRO A 442 14.58 -9.42 -28.15
C PRO A 442 15.75 -8.84 -27.36
N ASP A 443 15.49 -8.17 -26.23
CA ASP A 443 16.56 -7.53 -25.47
C ASP A 443 17.48 -8.54 -24.80
N ASP A 444 17.03 -9.78 -24.60
CA ASP A 444 17.85 -10.79 -23.92
C ASP A 444 19.05 -11.14 -24.79
N PRO A 445 20.28 -10.92 -24.32
CA PRO A 445 21.45 -11.20 -25.16
C PRO A 445 21.82 -12.67 -25.24
N ALA A 446 21.46 -13.48 -24.24
CA ALA A 446 21.66 -14.92 -24.37
C ALA A 446 20.78 -15.49 -25.47
N ILE A 447 19.59 -14.92 -25.64
CA ILE A 447 18.72 -15.33 -26.75
C ILE A 447 19.33 -14.92 -28.09
N LEU A 448 19.98 -13.75 -28.14
CA LEU A 448 20.68 -13.35 -29.36
C LEU A 448 21.89 -14.26 -29.63
N ASP A 449 22.58 -14.67 -28.56
CA ASP A 449 23.65 -15.64 -28.70
C ASP A 449 23.14 -16.94 -29.28
N SER A 450 22.02 -17.42 -28.74
CA SER A 450 21.43 -18.67 -29.27
C SER A 450 21.07 -18.44 -30.75
N GLY A 452 22.53 -16.45 -32.96
CA GLY A 452 23.74 -16.52 -33.78
C GLY A 452 24.24 -17.94 -33.87
N TRP A 453 24.14 -18.70 -32.77
CA TRP A 453 24.66 -20.06 -32.78
C TRP A 453 23.87 -20.97 -33.70
N ILE A 454 22.54 -20.88 -33.65
CA ILE A 454 21.73 -21.70 -34.54
C ILE A 454 21.87 -21.23 -35.98
N ASN A 455 22.08 -19.92 -36.19
CA ASN A 455 22.32 -19.45 -37.56
C ASN A 455 23.66 -19.94 -38.08
N TYR A 456 24.67 -20.02 -37.21
CA TYR A 456 25.98 -20.51 -37.62
C TYR A 456 25.95 -21.99 -37.93
N ARG A 457 25.33 -22.79 -37.05
CA ARG A 457 25.24 -24.23 -37.31
C ARG A 457 24.26 -24.56 -38.42
N GLN A 458 23.32 -23.67 -38.72
CA GLN A 458 22.42 -23.88 -39.85
C GLN A 458 23.07 -23.57 -41.18
N GLY A 459 24.17 -22.81 -41.20
CA GLY A 459 24.91 -22.50 -42.40
C GLY A 459 24.96 -21.02 -42.74
N LYS A 460 23.96 -20.25 -42.30
CA LYS A 460 23.93 -18.82 -42.59
C LYS A 460 25.01 -18.13 -41.77
N LEU A 461 26.11 -17.76 -42.42
CA LEU A 461 27.27 -17.23 -41.71
C LEU A 461 27.13 -15.74 -41.43
N ALA A 462 26.58 -14.97 -42.37
CA ALA A 462 26.49 -13.52 -42.20
C ALA A 462 25.50 -13.16 -41.09
N ASP A 463 24.32 -13.80 -41.11
CA ASP A 463 23.32 -13.53 -40.08
C ASP A 463 23.83 -13.93 -38.71
N ALA A 464 24.48 -15.09 -38.62
CA ALA A 464 25.05 -15.52 -37.34
C ALA A 464 26.08 -14.54 -36.83
N GLU A 465 26.97 -14.07 -37.72
CA GLU A 465 27.98 -13.10 -37.31
C GLU A 465 27.34 -11.81 -36.82
N ARG A 466 26.32 -11.32 -37.53
CA ARG A 466 25.67 -10.08 -37.12
C ARG A 466 24.97 -10.24 -35.77
N TYR A 467 24.28 -11.36 -35.56
CA TYR A 467 23.55 -11.55 -34.30
C TYR A 467 24.52 -11.71 -33.13
N LEU A 468 25.62 -12.44 -33.34
CA LEU A 468 26.62 -12.57 -32.28
C LEU A 468 27.31 -11.24 -32.02
N ARG A 469 27.54 -10.44 -33.05
CA ARG A 469 28.11 -9.11 -32.85
C ARG A 469 27.20 -8.25 -31.98
N GLN A 470 25.88 -8.29 -32.24
CA GLN A 470 24.95 -7.53 -31.42
C GLN A 470 24.98 -8.04 -29.98
N ALA A 471 24.88 -9.35 -29.79
CA ALA A 471 24.85 -9.93 -28.45
C ALA A 471 26.12 -9.59 -27.67
N LEU A 472 27.25 -9.53 -28.36
CA LEU A 472 28.50 -9.15 -27.69
C LEU A 472 28.55 -7.66 -27.41
N GLN A 473 27.91 -6.84 -28.26
CA GLN A 473 27.86 -5.40 -28.02
C GLN A 473 27.06 -5.08 -26.76
N ARG A 474 25.95 -5.79 -26.54
CA ARG A 474 25.12 -5.51 -25.36
C ARG A 474 25.88 -5.77 -24.07
N TYR A 475 26.46 -6.96 -23.91
CA TYR A 475 27.17 -7.29 -22.69
C TYR A 475 28.40 -8.16 -22.92
N PRO A 476 29.48 -7.92 -22.17
CA PRO A 476 30.71 -8.72 -22.34
C PRO A 476 30.61 -10.04 -21.61
N ASP A 477 30.59 -11.13 -22.36
CA ASP A 477 30.60 -12.47 -21.80
C ASP A 477 31.65 -13.31 -22.51
N HIS A 478 32.28 -14.21 -21.75
CA HIS A 478 33.30 -15.07 -22.33
C HIS A 478 32.69 -16.06 -23.31
N GLU A 479 31.51 -16.58 -23.01
CA GLU A 479 30.85 -17.55 -23.89
C GLU A 479 30.46 -16.92 -25.22
N VAL A 480 29.83 -15.74 -25.16
CA VAL A 480 29.46 -15.05 -26.40
C VAL A 480 30.71 -14.65 -27.17
N ALA A 481 31.78 -14.29 -26.47
CA ALA A 481 33.03 -13.95 -27.12
C ALA A 481 33.59 -15.15 -27.89
N ALA A 482 33.60 -16.32 -27.25
CA ALA A 482 34.09 -17.52 -27.93
C ALA A 482 33.21 -17.87 -29.11
N HIS A 483 31.90 -17.74 -28.97
CA HIS A 483 31.00 -18.03 -30.07
C HIS A 483 31.25 -17.10 -31.25
N LEU A 484 31.36 -15.80 -30.98
CA LEU A 484 31.65 -14.84 -32.06
C LEU A 484 33.00 -15.13 -32.70
N GLY A 485 34.01 -15.44 -31.88
CA GLY A 485 35.32 -15.76 -32.43
C GLY A 485 35.28 -16.95 -33.37
N GLU A 486 34.61 -18.02 -32.95
CA GLU A 486 34.53 -19.22 -33.79
C GLU A 486 33.73 -18.95 -35.06
N VAL A 487 32.60 -18.26 -34.95
CA VAL A 487 31.78 -17.98 -36.12
C VAL A 487 32.54 -17.12 -37.12
N LEU A 488 33.27 -16.12 -36.63
CA LEU A 488 34.08 -15.29 -37.51
C LEU A 488 35.21 -16.11 -38.12
N TRP A 489 35.85 -16.96 -37.32
CA TRP A 489 36.96 -17.78 -37.80
C TRP A 489 36.53 -18.71 -38.94
N ALA A 490 35.34 -19.29 -38.82
CA ALA A 490 34.88 -20.22 -39.86
C ALA A 490 34.68 -19.52 -41.20
N GLN A 491 34.18 -18.29 -41.19
CA GLN A 491 33.98 -17.55 -42.43
C GLN A 491 35.27 -17.00 -43.01
N GLY A 492 36.34 -16.92 -42.21
CA GLY A 492 37.59 -16.33 -42.66
C GLY A 492 38.07 -15.27 -41.70
N ARG A 493 38.83 -14.30 -42.22
CA ARG A 493 39.30 -13.16 -41.43
C ARG A 493 39.90 -13.62 -40.10
N GLN A 494 40.88 -14.52 -40.19
CA GLN A 494 41.44 -15.12 -38.98
C GLN A 494 41.95 -14.07 -38.01
N GLY A 495 42.58 -13.01 -38.52
CA GLY A 495 43.11 -11.98 -37.65
C GLY A 495 42.04 -11.30 -36.81
N ASP A 496 40.84 -11.12 -37.37
CA ASP A 496 39.76 -10.50 -36.62
C ASP A 496 39.32 -11.40 -35.46
N ALA A 497 39.13 -12.70 -35.73
CA ALA A 497 38.79 -13.63 -34.66
C ALA A 497 39.90 -13.73 -33.63
N ARG A 498 41.15 -13.76 -34.09
CA ARG A 498 42.28 -13.79 -33.17
C ARG A 498 42.31 -12.54 -32.29
N ALA A 499 42.00 -11.38 -32.86
CA ALA A 499 42.03 -10.13 -32.10
C ALA A 499 40.89 -10.04 -31.10
N ILE A 500 39.71 -10.54 -31.48
CA ILE A 500 38.56 -10.49 -30.57
C ILE A 500 38.83 -11.34 -29.32
N TRP A 501 39.51 -12.47 -29.50
CA TRP A 501 39.81 -13.36 -28.39
C TRP A 501 40.79 -12.73 -27.39
N ARG A 502 41.63 -11.79 -27.84
CA ARG A 502 42.66 -11.25 -26.96
C ARG A 502 42.07 -10.52 -25.75
N GLU A 503 40.93 -9.85 -25.94
CA GLU A 503 40.39 -9.03 -24.86
C GLU A 503 39.72 -9.89 -23.78
N TYR A 504 38.77 -10.73 -24.19
CA TYR A 504 37.91 -11.42 -23.22
C TYR A 504 38.54 -12.65 -22.61
N LEU A 505 39.78 -13.01 -22.99
CA LEU A 505 40.49 -14.04 -22.24
C LEU A 505 40.72 -13.58 -20.80
N ASP A 506 41.43 -12.47 -20.65
CA ASP A 506 41.58 -11.73 -19.39
C ASP A 506 42.14 -12.62 -18.27
N LYS A 507 42.81 -13.72 -18.63
CA LYS A 507 43.39 -14.66 -17.66
C LYS A 507 42.35 -15.07 -16.62
N GLN A 508 41.13 -15.33 -17.07
CA GLN A 508 39.98 -15.57 -16.22
C GLN A 508 39.75 -17.05 -16.02
N PRO A 509 39.57 -17.51 -14.78
CA PRO A 509 39.17 -18.91 -14.59
C PRO A 509 37.82 -19.22 -15.21
N ASP A 510 36.95 -18.20 -15.36
CA ASP A 510 35.70 -18.39 -16.07
C ASP A 510 35.92 -18.65 -17.56
N SER A 511 37.08 -18.31 -18.09
CA SER A 511 37.39 -18.57 -19.50
C SER A 511 37.95 -19.97 -19.74
N ASP A 512 37.58 -20.95 -18.90
CA ASP A 512 38.04 -22.31 -19.13
C ASP A 512 37.37 -22.92 -20.35
N VAL A 513 36.09 -22.63 -20.54
CA VAL A 513 35.38 -23.08 -21.74
C VAL A 513 35.93 -22.39 -22.99
N LEU A 514 36.31 -21.11 -22.85
CA LEU A 514 36.88 -20.38 -23.98
C LEU A 514 38.21 -20.98 -24.43
N ARG A 515 39.01 -21.49 -23.49
CA ARG A 515 40.29 -22.10 -23.85
C ARG A 515 40.10 -23.29 -24.80
N ARG A 516 39.00 -24.03 -24.67
CA ARG A 516 38.80 -25.21 -25.51
C ARG A 516 38.42 -24.82 -26.94
N THR A 517 37.77 -23.66 -27.11
CA THR A 517 37.45 -23.19 -28.46
C THR A 517 38.71 -22.87 -29.25
N ILE A 518 39.70 -22.25 -28.60
CA ILE A 518 40.96 -21.93 -29.27
C ILE A 518 41.69 -23.21 -29.68
N LYS A 519 41.77 -24.18 -28.77
CA LYS A 519 42.46 -25.44 -29.09
C LYS A 519 41.78 -26.18 -30.23
N ARG A 520 40.44 -26.13 -30.28
CA ARG A 520 39.73 -26.84 -31.34
C ARG A 520 40.06 -26.26 -32.71
N LEU A 521 40.14 -24.94 -32.82
CA LEU A 521 40.40 -24.27 -34.08
C LEU A 521 41.89 -24.12 -34.40
N THR A 522 42.74 -23.91 -33.39
CA THR A 522 44.20 -23.86 -33.66
C THR A 522 44.74 -25.29 -33.81
N GLY A 523 43.92 -26.29 -33.51
CA GLY A 523 44.32 -27.70 -33.71
C GLY A 523 44.58 -27.96 -35.18
N ALA A 524 43.84 -27.24 -36.02
CA ALA A 524 44.08 -27.36 -37.47
C ALA A 524 45.18 -26.39 -37.86
N GLU A 525 46.38 -26.62 -37.33
CA GLU A 525 47.56 -25.79 -37.67
C GLU A 525 48.82 -26.62 -37.42
N ASP B 3 -30.55 36.90 0.79
CA ASP B 3 -29.22 36.25 0.63
C ASP B 3 -28.13 37.33 0.60
N SER B 4 -26.95 37.01 1.15
CA SER B 4 -25.84 38.00 1.23
C SER B 4 -24.52 37.38 0.76
N LEU B 5 -23.58 38.20 0.31
CA LEU B 5 -22.24 37.68 -0.06
C LEU B 5 -21.62 37.11 1.22
N TYR B 6 -21.81 37.79 2.36
CA TYR B 6 -21.29 37.27 3.64
C TYR B 6 -21.95 35.93 3.97
N SER B 7 -23.26 35.79 3.69
CA SER B 7 -23.96 34.52 3.97
C SER B 7 -23.35 33.40 3.13
N LEU B 8 -23.00 33.69 1.87
CA LEU B 8 -22.37 32.67 0.98
C LEU B 8 -20.92 32.41 1.44
N LEU B 9 -20.23 33.42 1.98
CA LEU B 9 -18.88 33.20 2.48
C LEU B 9 -18.89 32.24 3.66
N VAL B 10 -20.00 32.18 4.39
CA VAL B 10 -20.06 31.21 5.48
C VAL B 10 -20.03 29.79 4.93
N ALA B 11 -20.78 29.54 3.85
CA ALA B 11 -20.76 28.23 3.21
C ALA B 11 -19.42 27.95 2.56
N GLU B 12 -18.79 28.99 1.97
CA GLU B 12 -17.45 28.84 1.42
C GLU B 12 -16.45 28.43 2.49
N LEU B 13 -16.54 29.06 3.67
CA LEU B 13 -15.65 28.68 4.77
C LEU B 13 -15.93 27.26 5.23
N ALA B 14 -17.20 26.84 5.20
CA ALA B 14 -17.51 25.46 5.55
C ALA B 14 -16.88 24.47 4.57
N GLY B 15 -16.95 24.77 3.27
CA GLY B 15 -16.31 23.93 2.28
C GLY B 15 -14.80 23.88 2.44
N GLN B 16 -14.18 25.05 2.68
CA GLN B 16 -12.75 25.08 2.93
C GLN B 16 -12.39 24.29 4.18
N ARG B 17 -13.25 24.33 5.20
CA ARG B 17 -13.03 23.52 6.40
C ARG B 17 -13.02 22.03 6.05
N ASN B 18 -14.00 21.60 5.25
CA ASN B 18 -14.05 20.21 4.84
C ASN B 18 -12.77 19.81 4.10
N ARG B 19 -12.32 20.65 3.17
CA ARG B 19 -11.15 20.29 2.37
C ARG B 19 -9.87 20.34 3.19
N PHE B 20 -9.77 21.28 4.12
CA PHE B 20 -8.65 21.29 5.06
C PHE B 20 -8.63 20.00 5.87
N ASP B 21 -9.79 19.57 6.36
CA ASP B 21 -9.87 18.36 7.17
C ASP B 21 -9.42 17.15 6.36
N ILE B 22 -9.91 17.00 5.14
CA ILE B 22 -9.54 15.83 4.35
C ILE B 22 -8.06 15.87 3.99
N ALA B 23 -7.52 17.06 3.68
CA ALA B 23 -6.10 17.14 3.34
C ALA B 23 -5.24 16.77 4.53
N LEU B 24 -5.61 17.24 5.73
CA LEU B 24 -4.82 16.91 6.92
C LEU B 24 -4.91 15.42 7.25
N SER B 25 -6.12 14.83 7.15
CA SER B 25 -6.26 13.41 7.40
C SER B 25 -5.49 12.59 6.37
N ASN B 26 -5.46 13.05 5.12
CA ASN B 26 -4.67 12.39 4.09
C ASN B 26 -3.20 12.41 4.45
N TYR B 27 -2.71 13.56 4.93
CA TYR B 27 -1.32 13.61 5.40
C TYR B 27 -1.09 12.60 6.52
N VAL B 28 -2.02 12.52 7.48
CA VAL B 28 -1.83 11.61 8.61
C VAL B 28 -1.70 10.17 8.13
N VAL B 29 -2.58 9.76 7.22
CA VAL B 29 -2.54 8.36 6.78
C VAL B 29 -1.37 8.11 5.83
N GLN B 30 -0.93 9.12 5.09
CA GLN B 30 0.22 8.95 4.21
C GLN B 30 1.51 8.81 4.99
N ALA B 31 1.72 9.68 5.99
CA ALA B 31 2.95 9.65 6.75
C ALA B 31 3.07 8.39 7.60
N GLN B 32 1.94 7.84 8.05
CA GLN B 32 1.96 6.70 8.97
C GLN B 32 2.27 5.39 8.26
N LYS B 33 1.74 5.18 7.05
CA LYS B 33 1.93 3.89 6.38
C LYS B 33 3.39 3.69 5.96
N THR B 34 3.98 4.70 5.32
CA THR B 34 5.39 4.70 4.92
C THR B 34 5.78 3.43 4.13
N ARG B 35 4.86 2.96 3.29
CA ARG B 35 5.16 1.86 2.39
C ARG B 35 5.63 2.41 1.05
N ASP B 36 6.80 1.97 0.59
CA ASP B 36 7.37 2.42 -0.69
C ASP B 36 8.12 1.29 -1.39
N PRO B 37 7.39 0.35 -1.99
CA PRO B 37 8.10 -0.71 -2.75
C PRO B 37 8.88 -0.17 -3.92
N GLY B 38 8.27 0.69 -4.74
CA GLY B 38 8.84 1.36 -5.89
C GLY B 38 9.31 0.41 -6.98
N VAL B 39 10.35 0.84 -7.69
CA VAL B 39 10.96 0.04 -8.75
C VAL B 39 12.48 0.09 -8.57
N SER B 40 12.98 1.23 -8.09
CA SER B 40 14.40 1.34 -7.78
C SER B 40 14.78 0.34 -6.69
N GLU B 41 13.92 0.17 -5.69
CA GLU B 41 14.16 -0.80 -4.63
C GLU B 41 14.00 -2.24 -5.11
N ARG B 42 13.28 -2.48 -6.20
CA ARG B 42 13.25 -3.82 -6.78
C ARG B 42 14.62 -4.20 -7.33
N ALA B 43 15.27 -3.27 -8.04
CA ALA B 43 16.64 -3.50 -8.50
C ALA B 43 17.58 -3.70 -7.31
N PHE B 44 17.39 -2.92 -6.24
CA PHE B 44 18.20 -3.12 -5.05
C PHE B 44 17.94 -4.48 -4.42
N ARG B 45 16.71 -4.98 -4.53
CA ARG B 45 16.38 -6.30 -4.03
C ARG B 45 17.13 -7.38 -4.82
N ILE B 46 17.12 -7.25 -6.15
CA ILE B 46 17.86 -8.20 -6.98
C ILE B 46 19.36 -8.12 -6.69
N ALA B 47 19.86 -6.91 -6.44
CA ALA B 47 21.29 -6.75 -6.15
C ALA B 47 21.67 -7.38 -4.82
N GLU B 48 20.84 -7.19 -3.79
CA GLU B 48 21.07 -7.84 -2.51
C GLU B 48 20.99 -9.35 -2.64
N TYR B 49 20.06 -9.83 -3.46
CA TYR B 49 19.95 -11.26 -3.72
C TYR B 49 21.19 -11.80 -4.43
N LEU B 50 21.79 -10.99 -5.30
CA LEU B 50 23.02 -11.38 -5.98
C LEU B 50 24.18 -11.43 -4.99
N GLY B 51 24.44 -10.32 -4.31
CA GLY B 51 25.58 -10.20 -3.42
C GLY B 51 25.53 -11.04 -2.17
N ALA B 52 24.47 -11.82 -1.96
CA ALA B 52 24.34 -12.58 -0.73
C ALA B 52 25.18 -13.85 -0.69
N ASP B 53 25.56 -14.42 -1.84
CA ASP B 53 26.30 -15.67 -1.81
C ASP B 53 27.77 -15.49 -1.48
N GLN B 54 28.38 -14.41 -1.92
CA GLN B 54 29.82 -14.26 -1.78
C GLN B 54 30.12 -13.60 -0.43
N GLU B 55 31.12 -14.13 0.28
CA GLU B 55 31.38 -13.68 1.64
C GLU B 55 31.87 -12.23 1.69
N ALA B 56 32.68 -11.83 0.72
CA ALA B 56 33.14 -10.45 0.68
C ALA B 56 31.98 -9.51 0.40
N LEU B 57 31.94 -8.41 1.14
CA LEU B 57 30.85 -7.44 1.00
C LEU B 57 30.83 -6.84 -0.40
N ASP B 58 29.63 -6.75 -0.96
CA ASP B 58 29.42 -6.06 -2.24
C ASP B 58 29.47 -4.58 -1.93
N THR B 59 30.70 -4.03 -1.94
CA THR B 59 30.90 -2.65 -1.55
C THR B 59 30.10 -1.70 -2.45
N SER B 60 29.94 -2.05 -3.72
CA SER B 60 29.12 -1.22 -4.61
C SER B 60 27.67 -1.21 -4.16
N LEU B 61 27.16 -2.35 -3.66
CA LEU B 61 25.78 -2.40 -3.19
C LEU B 61 25.57 -1.50 -1.97
N LEU B 62 26.49 -1.56 -1.01
CA LEU B 62 26.39 -0.69 0.16
C LEU B 62 26.56 0.77 -0.22
N TRP B 63 27.39 1.05 -1.22
CA TRP B 63 27.59 2.43 -1.66
C TRP B 63 26.35 2.98 -2.34
N ALA B 64 25.69 2.15 -3.14
CA ALA B 64 24.50 2.60 -3.88
C ALA B 64 23.28 2.70 -2.97
N ARG B 65 23.09 1.72 -2.08
CA ARG B 65 21.93 1.74 -1.20
C ARG B 65 21.96 2.89 -0.21
N SER B 66 23.14 3.45 0.04
CA SER B 66 23.31 4.59 0.94
C SER B 66 23.50 5.91 0.20
N ALA B 67 22.95 6.01 -1.01
CA ALA B 67 23.10 7.22 -1.79
C ALA B 67 22.35 8.38 -1.14
N PRO B 68 22.78 9.62 -1.38
CA PRO B 68 22.07 10.77 -0.81
C PRO B 68 20.65 10.92 -1.32
N ASP B 69 20.33 10.34 -2.49
CA ASP B 69 19.00 10.41 -3.05
C ASP B 69 18.09 9.27 -2.61
N ASN B 70 18.61 8.29 -1.87
CA ASN B 70 17.81 7.17 -1.39
C ASN B 70 17.14 7.47 -0.05
N LEU B 71 17.03 8.74 0.33
CA LEU B 71 16.36 9.16 1.55
C LEU B 71 14.98 9.68 1.20
N ASP B 72 13.96 9.17 1.90
CA ASP B 72 12.59 9.57 1.66
C ASP B 72 12.36 11.00 2.15
N ALA B 73 11.94 11.87 1.24
CA ALA B 73 11.61 13.25 1.57
C ALA B 73 10.14 13.44 1.93
N GLN B 74 9.34 12.37 1.88
CA GLN B 74 7.90 12.42 2.14
C GLN B 74 7.22 13.46 1.25
N ARG B 75 7.23 13.15 -0.05
CA ARG B 75 6.81 14.12 -1.05
C ARG B 75 5.31 14.32 -1.05
N ALA B 76 4.54 13.24 -1.16
CA ALA B 76 3.07 13.38 -1.16
C ALA B 76 2.56 13.90 0.18
N ALA B 77 3.21 13.47 1.27
CA ALA B 77 2.86 14.01 2.58
C ALA B 77 3.11 15.50 2.63
N ALA B 78 4.23 15.96 2.07
CA ALA B 78 4.52 17.39 2.03
C ALA B 78 3.49 18.13 1.18
N ILE B 79 3.03 17.50 0.10
CA ILE B 79 1.98 18.10 -0.72
C ILE B 79 0.72 18.30 0.10
N GLN B 80 0.31 17.26 0.85
CA GLN B 80 -0.89 17.38 1.67
C GLN B 80 -0.74 18.44 2.75
N LEU B 81 0.43 18.48 3.42
CA LEU B 81 0.64 19.49 4.45
C LEU B 81 0.61 20.89 3.87
N ALA B 82 1.26 21.11 2.73
CA ALA B 82 1.26 22.43 2.11
C ALA B 82 -0.15 22.82 1.69
N ARG B 83 -0.94 21.85 1.21
CA ARG B 83 -2.32 22.13 0.87
C ARG B 83 -3.11 22.54 2.09
N ALA B 84 -2.92 21.84 3.21
CA ALA B 84 -3.60 22.20 4.45
C ALA B 84 -3.19 23.59 4.92
N GLY B 85 -1.92 23.93 4.79
CA GLY B 85 -1.46 25.26 5.19
C GLY B 85 -2.08 26.36 4.36
N ARG B 86 -2.10 26.18 3.04
CA ARG B 86 -2.73 27.17 2.17
C ARG B 86 -4.22 27.27 2.47
N TYR B 87 -4.86 26.14 2.77
CA TYR B 87 -6.29 26.16 3.08
C TYR B 87 -6.55 26.94 4.37
N GLU B 88 -5.75 26.71 5.41
CA GLU B 88 -5.93 27.47 6.64
C GLU B 88 -5.66 28.96 6.43
N GLU B 89 -4.63 29.27 5.65
CA GLU B 89 -4.28 30.69 5.41
C GLU B 89 -5.46 31.37 4.72
N SER B 90 -6.03 30.72 3.71
CA SER B 90 -7.22 31.27 3.00
C SER B 90 -8.38 31.36 3.97
N VAL B 92 -8.32 31.83 7.19
CA VAL B 92 -8.09 33.01 8.08
C VAL B 92 -8.45 34.27 7.29
N TYR B 93 -8.02 34.36 6.03
CA TYR B 93 -8.33 35.54 5.23
C TYR B 93 -9.84 35.70 5.02
N GLU B 95 -12.17 34.63 6.93
CA GLU B 95 -12.71 35.07 8.21
C GLU B 95 -12.49 36.56 8.41
N LYS B 96 -11.43 37.12 7.82
CA LYS B 96 -11.27 38.57 7.85
C LYS B 96 -12.36 39.27 7.03
N VAL B 97 -12.77 38.67 5.91
CA VAL B 97 -13.79 39.29 5.06
C VAL B 97 -15.18 39.10 5.65
N LEU B 98 -15.43 38.02 6.39
CA LEU B 98 -16.76 37.78 6.93
C LEU B 98 -17.17 38.87 7.90
N ASN B 99 -16.30 39.16 8.88
CA ASN B 99 -16.56 40.20 9.87
C ASN B 99 -16.40 41.60 9.30
N GLY B 100 -15.90 41.74 8.08
CA GLY B 100 -15.82 43.04 7.46
C GLY B 100 -17.19 43.64 7.23
N GLN B 101 -17.21 44.96 7.10
CA GLN B 101 -18.46 45.69 6.98
C GLN B 101 -18.65 46.27 5.59
N GLY B 102 -19.91 46.54 5.27
CA GLY B 102 -20.33 47.14 4.02
C GLY B 102 -21.61 46.51 3.52
N ASP B 103 -22.27 47.22 2.61
CA ASP B 103 -23.51 46.76 1.95
C ASP B 103 -23.14 45.88 0.76
N THR B 104 -22.86 44.61 1.09
CA THR B 104 -22.47 43.62 0.06
C THR B 104 -23.52 43.54 -1.05
N HIS B 105 -24.67 44.16 -0.85
CA HIS B 105 -25.71 43.98 -1.87
C HIS B 105 -25.30 44.75 -3.13
N PHE B 106 -26.02 44.53 -4.22
CA PHE B 106 -25.69 45.15 -5.50
C PHE B 106 -24.26 44.80 -5.92
N ASP B 107 -23.80 43.62 -5.50
CA ASP B 107 -22.54 43.06 -5.96
C ASP B 107 -22.81 41.75 -6.69
N PHE B 108 -23.57 41.80 -7.79
CA PHE B 108 -24.05 40.58 -8.43
C PHE B 108 -22.91 39.75 -9.00
N LEU B 109 -21.77 40.36 -9.30
CA LEU B 109 -20.64 39.60 -9.84
C LEU B 109 -20.11 38.60 -8.82
N ALA B 110 -19.88 39.05 -7.58
CA ALA B 110 -19.36 38.13 -6.57
C ALA B 110 -20.42 37.13 -6.14
N LEU B 111 -21.70 37.50 -6.23
CA LEU B 111 -22.77 36.54 -5.93
C LEU B 111 -22.78 35.40 -6.95
N SER B 112 -22.55 35.72 -8.22
CA SER B 112 -22.52 34.69 -9.24
C SER B 112 -21.37 33.72 -9.03
N ALA B 113 -20.18 34.23 -8.73
CA ALA B 113 -19.05 33.35 -8.47
C ALA B 113 -19.22 32.56 -7.18
N ALA B 114 -19.88 33.14 -6.18
CA ALA B 114 -20.10 32.45 -4.91
C ALA B 114 -21.19 31.40 -5.00
N GLU B 115 -22.15 31.55 -5.91
CA GLU B 115 -23.23 30.60 -6.02
C GLU B 115 -22.93 29.41 -6.93
N THR B 116 -21.88 29.48 -7.75
CA THR B 116 -21.50 28.38 -8.62
C THR B 116 -20.35 27.56 -8.04
N ASP B 117 -20.04 27.74 -6.76
CA ASP B 117 -18.89 27.10 -6.14
C ASP B 117 -19.20 25.63 -5.88
N PRO B 118 -18.46 24.69 -6.46
CA PRO B 118 -18.75 23.27 -6.24
C PRO B 118 -18.51 22.80 -4.81
N ASP B 119 -17.80 23.57 -3.98
CA ASP B 119 -17.54 23.13 -2.61
C ASP B 119 -18.73 23.40 -1.70
N THR B 120 -19.63 24.29 -2.09
CA THR B 120 -20.86 24.53 -1.35
C THR B 120 -21.99 23.66 -1.90
N ARG B 121 -22.88 23.25 -1.00
CA ARG B 121 -23.98 22.38 -1.39
C ARG B 121 -24.88 23.07 -2.41
N ALA B 122 -25.22 24.34 -2.16
CA ALA B 122 -26.00 25.10 -3.12
C ALA B 122 -25.25 25.27 -4.43
N GLY B 123 -23.94 25.50 -4.36
CA GLY B 123 -23.15 25.57 -5.58
C GLY B 123 -23.06 24.23 -6.29
N LEU B 124 -22.97 23.14 -5.52
CA LEU B 124 -23.04 21.80 -6.09
C LEU B 124 -24.29 21.63 -6.93
N LEU B 125 -25.44 22.00 -6.36
CA LEU B 125 -26.71 21.85 -7.07
C LEU B 125 -26.79 22.79 -8.27
N GLN B 126 -26.28 24.02 -8.14
CA GLN B 126 -26.32 24.93 -9.28
C GLN B 126 -25.47 24.43 -10.43
N SER B 127 -24.27 23.91 -10.11
CA SER B 127 -23.41 23.37 -11.15
C SER B 127 -24.04 22.14 -11.81
N PHE B 128 -24.66 21.27 -11.00
CA PHE B 128 -25.34 20.11 -11.56
C PHE B 128 -26.52 20.52 -12.43
N ASP B 129 -27.26 21.56 -12.03
CA ASP B 129 -28.38 22.02 -12.84
C ASP B 129 -27.90 22.61 -14.17
N HIS B 130 -26.81 23.38 -14.12
CA HIS B 130 -26.26 23.92 -15.37
C HIS B 130 -25.75 22.82 -16.27
N LEU B 131 -25.15 21.77 -15.69
CA LEU B 131 -24.67 20.65 -16.48
C LEU B 131 -25.82 19.87 -17.11
N LEU B 132 -26.90 19.66 -16.34
CA LEU B 132 -28.08 19.01 -16.90
C LEU B 132 -28.72 19.88 -17.99
N LYS B 133 -28.57 21.19 -17.89
CA LYS B 133 -28.99 22.07 -18.98
C LYS B 133 -28.13 21.84 -20.23
N LYS B 134 -26.81 21.76 -20.05
CA LYS B 134 -25.92 21.54 -21.19
C LYS B 134 -26.08 20.12 -21.75
N TYR B 135 -25.83 19.11 -20.93
CA TYR B 135 -25.97 17.71 -21.34
C TYR B 135 -27.16 17.09 -20.61
N PRO B 136 -28.35 17.13 -21.19
CA PRO B 136 -29.52 16.56 -20.52
C PRO B 136 -29.56 15.05 -20.63
N ASN B 137 -30.31 14.44 -19.72
CA ASN B 137 -30.58 13.01 -19.69
C ASN B 137 -29.29 12.18 -19.63
N ASN B 138 -28.25 12.73 -19.03
CA ASN B 138 -26.99 12.01 -18.86
C ASN B 138 -27.07 11.22 -17.55
N GLY B 139 -26.94 9.89 -17.65
CA GLY B 139 -27.22 9.04 -16.51
C GLY B 139 -26.35 9.34 -15.30
N GLN B 140 -25.05 9.53 -15.52
CA GLN B 140 -24.15 9.75 -14.39
C GLN B 140 -24.47 11.06 -13.68
N LEU B 141 -24.85 12.09 -14.44
CA LEU B 141 -25.22 13.36 -13.83
C LEU B 141 -26.49 13.24 -13.00
N LEU B 142 -27.49 12.53 -13.52
CA LEU B 142 -28.71 12.28 -12.74
C LEU B 142 -28.40 11.50 -11.47
N PHE B 143 -27.51 10.50 -11.57
CA PHE B 143 -27.14 9.72 -10.41
C PHE B 143 -26.49 10.60 -9.34
N GLY B 144 -25.55 11.46 -9.77
CA GLY B 144 -24.90 12.35 -8.83
C GLY B 144 -25.85 13.34 -8.20
N LYS B 145 -26.73 13.94 -9.01
CA LYS B 145 -27.69 14.90 -8.48
C LYS B 145 -28.65 14.25 -7.51
N ALA B 146 -29.06 13.02 -7.82
CA ALA B 146 -29.93 12.29 -6.90
C ALA B 146 -29.20 11.95 -5.61
N LEU B 147 -27.92 11.59 -5.71
CA LEU B 147 -27.12 11.37 -4.51
C LEU B 147 -27.11 12.62 -3.65
N LEU B 148 -26.90 13.78 -4.28
CA LEU B 148 -26.87 15.04 -3.55
C LEU B 148 -28.22 15.30 -2.88
N LEU B 149 -29.32 15.13 -3.63
CA LEU B 149 -30.64 15.42 -3.07
C LEU B 149 -30.99 14.46 -1.94
N GLN B 150 -30.64 13.18 -2.08
CA GLN B 150 -30.96 12.19 -1.06
C GLN B 150 -30.15 12.44 0.21
N GLN B 151 -28.86 12.76 0.07
CA GLN B 151 -28.07 13.03 1.26
C GLN B 151 -28.46 14.36 1.90
N ASP B 152 -28.96 15.30 1.10
CA ASP B 152 -29.39 16.60 1.61
C ASP B 152 -30.70 16.53 2.39
N GLY B 153 -31.34 15.38 2.46
CA GLY B 153 -32.58 15.25 3.18
C GLY B 153 -33.84 15.36 2.34
N ARG B 154 -33.76 15.15 1.04
CA ARG B 154 -34.91 15.25 0.15
C ARG B 154 -34.94 14.02 -0.76
N PRO B 155 -35.32 12.85 -0.20
CA PRO B 155 -35.33 11.64 -1.03
C PRO B 155 -36.40 11.67 -2.10
N ASP B 156 -37.57 12.22 -1.77
CA ASP B 156 -38.68 12.24 -2.72
C ASP B 156 -38.36 13.09 -3.94
N GLU B 157 -37.64 14.20 -3.73
CA GLU B 157 -37.24 15.03 -4.86
C GLU B 157 -36.27 14.29 -5.78
N ALA B 158 -35.33 13.56 -5.19
CA ALA B 158 -34.41 12.76 -5.99
C ALA B 158 -35.14 11.65 -6.75
N LEU B 159 -36.06 10.96 -6.09
CA LEU B 159 -36.80 9.89 -6.76
C LEU B 159 -37.65 10.45 -7.89
N THR B 160 -38.27 11.60 -7.69
CA THR B 160 -39.04 12.24 -8.75
C THR B 160 -38.14 12.66 -9.91
N LEU B 161 -36.91 13.10 -9.60
CA LEU B 161 -35.95 13.41 -10.65
C LEU B 161 -35.61 12.17 -11.47
N LEU B 162 -35.45 11.02 -10.81
CA LEU B 162 -35.18 9.79 -11.56
C LEU B 162 -36.37 9.36 -12.40
N GLU B 163 -37.59 9.49 -11.85
CA GLU B 163 -38.77 9.03 -12.57
C GLU B 163 -39.02 9.81 -13.84
N ASP B 164 -38.64 11.09 -13.87
CA ASP B 164 -38.88 11.92 -15.04
C ASP B 164 -37.91 11.60 -16.18
N ASN B 165 -36.76 11.02 -15.87
CA ASN B 165 -35.74 10.72 -16.87
C ASN B 165 -35.80 9.24 -17.28
N SER B 166 -35.73 9.00 -18.59
CA SER B 166 -35.76 7.63 -19.09
C SER B 166 -34.43 6.92 -18.92
N ALA B 167 -33.32 7.66 -18.95
CA ALA B 167 -32.01 7.03 -18.81
C ALA B 167 -31.85 6.33 -17.47
N SER B 168 -32.60 6.77 -16.45
CA SER B 168 -32.59 6.11 -15.16
C SER B 168 -33.05 4.66 -15.25
N ARG B 169 -33.83 4.31 -16.27
CA ARG B 169 -34.23 2.94 -16.48
C ARG B 169 -33.13 2.11 -17.14
N HIS B 170 -32.20 2.77 -17.85
CA HIS B 170 -31.16 2.09 -18.62
C HIS B 170 -29.82 2.08 -17.91
N GLU B 171 -29.34 3.24 -17.48
CA GLU B 171 -28.03 3.32 -16.83
C GLU B 171 -28.03 2.57 -15.51
N VAL B 172 -26.89 1.98 -15.18
CA VAL B 172 -26.84 1.03 -14.07
C VAL B 172 -26.89 1.74 -12.73
N ALA B 173 -26.08 2.80 -12.55
CA ALA B 173 -25.98 3.51 -11.28
C ALA B 173 -27.27 4.29 -10.99
N PRO B 174 -27.84 5.03 -11.94
CA PRO B 174 -29.12 5.67 -11.67
C PRO B 174 -30.23 4.68 -11.37
N LEU B 175 -30.25 3.54 -12.06
CA LEU B 175 -31.27 2.53 -11.76
C LEU B 175 -31.08 1.98 -10.36
N LEU B 176 -29.84 1.70 -9.96
CA LEU B 176 -29.58 1.21 -8.63
C LEU B 176 -30.00 2.22 -7.57
N LEU B 177 -29.69 3.50 -7.79
CA LEU B 177 -30.07 4.52 -6.82
C LEU B 177 -31.59 4.68 -6.76
N ARG B 178 -32.26 4.61 -7.91
CA ARG B 178 -33.71 4.69 -7.94
C ARG B 178 -34.34 3.52 -7.20
N SER B 179 -33.77 2.33 -7.37
CA SER B 179 -34.26 1.16 -6.65
C SER B 179 -34.03 1.30 -5.15
N ARG B 180 -32.85 1.77 -4.75
CA ARG B 180 -32.54 1.92 -3.33
C ARG B 180 -33.39 3.02 -2.70
N LEU B 181 -33.83 3.98 -3.50
CA LEU B 181 -34.76 4.99 -3.00
C LEU B 181 -36.16 4.42 -2.86
N LEU B 182 -36.63 3.69 -3.88
CA LEU B 182 -37.96 3.10 -3.83
C LEU B 182 -38.10 2.09 -2.69
N GLN B 183 -37.02 1.39 -2.37
CA GLN B 183 -37.07 0.46 -1.24
C GLN B 183 -37.21 1.19 0.09
N SER B 184 -36.61 2.38 0.20
CA SER B 184 -36.73 3.16 1.42
C SER B 184 -38.09 3.84 1.56
N LYS B 186 -40.78 2.23 1.06
CA LYS B 186 -41.65 1.06 1.24
C LYS B 186 -42.39 0.70 -0.04
N ARG B 187 -41.76 0.92 -1.18
CA ARG B 187 -42.32 0.52 -2.47
C ARG B 187 -41.37 -0.42 -3.20
N SER B 188 -41.00 -1.51 -2.53
CA SER B 188 -40.08 -2.48 -3.14
C SER B 188 -40.73 -3.19 -4.31
N ASP B 189 -42.04 -3.42 -4.24
CA ASP B 189 -42.76 -4.01 -5.34
C ASP B 189 -42.66 -3.15 -6.59
N GLU B 190 -42.62 -1.82 -6.41
CA GLU B 190 -42.41 -0.92 -7.54
C GLU B 190 -41.00 -1.04 -8.10
N ALA B 191 -40.03 -1.46 -7.27
CA ALA B 191 -38.65 -1.61 -7.70
C ALA B 191 -38.36 -2.97 -8.32
N LEU B 192 -39.22 -3.97 -8.12
CA LEU B 192 -39.00 -5.27 -8.76
C LEU B 192 -39.01 -5.17 -10.28
N PRO B 193 -40.03 -4.59 -10.94
CA PRO B 193 -40.01 -4.58 -12.40
C PRO B 193 -38.88 -3.75 -12.95
N LEU B 194 -38.54 -2.63 -12.29
CA LEU B 194 -37.42 -1.82 -12.75
C LEU B 194 -36.12 -2.63 -12.77
N LEU B 195 -35.83 -3.32 -11.67
CA LEU B 195 -34.63 -4.16 -11.63
C LEU B 195 -34.68 -5.26 -12.67
N LYS B 196 -35.85 -5.89 -12.86
CA LYS B 196 -35.98 -6.94 -13.89
C LYS B 196 -35.70 -6.39 -15.28
N ALA B 197 -36.34 -5.27 -15.64
CA ALA B 197 -36.10 -4.67 -16.95
C ALA B 197 -34.65 -4.26 -17.12
N GLY B 198 -34.03 -3.78 -16.04
CA GLY B 198 -32.61 -3.44 -16.13
C GLY B 198 -31.74 -4.65 -16.34
N ILE B 199 -32.05 -5.76 -15.65
CA ILE B 199 -31.27 -6.97 -15.80
C ILE B 199 -31.47 -7.59 -17.17
N LYS B 200 -32.60 -7.28 -17.83
CA LYS B 200 -32.80 -7.76 -19.21
C LYS B 200 -31.85 -7.09 -20.18
N GLU B 201 -31.60 -5.79 -20.02
CA GLU B 201 -30.75 -5.06 -20.95
C GLU B 201 -29.28 -5.05 -20.53
N HIS B 202 -28.99 -5.23 -19.25
CA HIS B 202 -27.63 -5.25 -18.73
C HIS B 202 -27.43 -6.57 -17.98
N PRO B 203 -27.27 -7.67 -18.72
CA PRO B 203 -27.15 -8.98 -18.05
C PRO B 203 -25.83 -9.19 -17.34
N ASP B 204 -24.72 -8.83 -17.98
CA ASP B 204 -23.40 -9.10 -17.42
C ASP B 204 -23.04 -8.18 -16.28
N ASP B 205 -23.82 -7.14 -16.01
CA ASP B 205 -23.55 -6.24 -14.90
C ASP B 205 -23.86 -6.96 -13.59
N LYS B 206 -22.82 -7.15 -12.76
CA LYS B 206 -22.97 -7.91 -11.54
C LYS B 206 -23.74 -7.14 -10.48
N ARG B 207 -23.62 -5.81 -10.49
CA ARG B 207 -24.31 -4.99 -9.48
C ARG B 207 -25.82 -5.11 -9.63
N VAL B 208 -26.31 -5.14 -10.87
CA VAL B 208 -27.75 -5.26 -11.11
C VAL B 208 -28.27 -6.59 -10.59
N ARG B 209 -27.56 -7.68 -10.90
CA ARG B 209 -28.01 -8.99 -10.46
C ARG B 209 -27.94 -9.13 -8.95
N LEU B 210 -26.90 -8.56 -8.32
CA LEU B 210 -26.80 -8.61 -6.87
C LEU B 210 -27.92 -7.81 -6.22
N ALA B 211 -28.25 -6.64 -6.78
CA ALA B 211 -29.35 -5.85 -6.23
C ALA B 211 -30.68 -6.57 -6.41
N TYR B 212 -30.88 -7.21 -7.57
CA TYR B 212 -32.10 -7.98 -7.78
C TYR B 212 -32.22 -9.11 -6.78
N ALA B 213 -31.12 -9.84 -6.53
CA ALA B 213 -31.17 -10.94 -5.57
C ALA B 213 -31.41 -10.45 -4.15
N ARG B 214 -30.77 -9.34 -3.77
CA ARG B 214 -31.01 -8.81 -2.43
C ARG B 214 -32.44 -8.31 -2.28
N LEU B 215 -33.03 -7.75 -3.35
CA LEU B 215 -34.41 -7.32 -3.28
C LEU B 215 -35.37 -8.50 -3.21
N LEU B 216 -35.03 -9.60 -3.88
CA LEU B 216 -35.80 -10.83 -3.72
C LEU B 216 -35.74 -11.32 -2.28
N VAL B 217 -34.56 -11.25 -1.66
CA VAL B 217 -34.45 -11.61 -0.25
C VAL B 217 -35.30 -10.69 0.61
N GLU B 218 -35.33 -9.39 0.26
CA GLU B 218 -36.15 -8.44 1.00
C GLU B 218 -37.61 -8.83 0.95
N GLN B 219 -38.10 -9.24 -0.22
CA GLN B 219 -39.43 -9.78 -0.35
C GLN B 219 -39.46 -11.21 0.19
N ASN B 220 -40.65 -11.82 0.17
CA ASN B 220 -40.84 -13.16 0.70
C ASN B 220 -40.14 -14.23 -0.14
N ARG B 221 -39.60 -13.88 -1.31
CA ARG B 221 -39.01 -14.84 -2.25
C ARG B 221 -37.56 -15.14 -1.87
N LEU B 222 -37.37 -16.15 -1.02
CA LEU B 222 -36.02 -16.53 -0.63
C LEU B 222 -35.41 -17.58 -1.56
N ASP B 223 -36.21 -18.41 -2.21
CA ASP B 223 -35.66 -19.43 -3.11
C ASP B 223 -35.16 -18.84 -4.43
N ASP B 224 -35.88 -17.86 -4.97
CA ASP B 224 -35.47 -17.25 -6.23
C ASP B 224 -34.16 -16.51 -6.07
N ALA B 225 -33.93 -15.94 -4.88
CA ALA B 225 -32.65 -15.31 -4.61
C ALA B 225 -31.52 -16.33 -4.54
N LYS B 226 -31.81 -17.54 -4.02
CA LYS B 226 -30.80 -18.60 -4.03
C LYS B 226 -30.46 -19.02 -5.45
N ALA B 227 -31.48 -19.08 -6.32
CA ALA B 227 -31.21 -19.37 -7.73
C ALA B 227 -30.36 -18.27 -8.36
N GLU B 228 -30.62 -17.01 -8.00
CA GLU B 228 -29.80 -15.92 -8.52
C GLU B 228 -28.37 -16.02 -8.02
N PHE B 229 -28.18 -16.39 -6.74
CA PHE B 229 -26.85 -16.61 -6.19
C PHE B 229 -26.11 -17.71 -6.95
N ALA B 230 -26.79 -18.83 -7.19
CA ALA B 230 -26.16 -19.92 -7.92
C ALA B 230 -25.76 -19.48 -9.32
N GLY B 231 -26.62 -18.72 -10.00
CA GLY B 231 -26.28 -18.24 -11.33
C GLY B 231 -25.10 -17.29 -11.33
N LEU B 232 -25.07 -16.37 -10.36
CA LEU B 232 -23.94 -15.45 -10.24
C LEU B 232 -22.63 -16.17 -9.99
N VAL B 233 -22.63 -17.14 -9.07
CA VAL B 233 -21.39 -17.85 -8.76
C VAL B 233 -20.98 -18.75 -9.93
N GLN B 234 -21.94 -19.33 -10.64
CA GLN B 234 -21.61 -20.16 -11.78
C GLN B 234 -21.00 -19.34 -12.90
N GLN B 235 -21.53 -18.13 -13.13
CA GLN B 235 -21.03 -17.31 -14.24
C GLN B 235 -19.67 -16.69 -13.93
N PHE B 236 -19.40 -16.33 -12.67
CA PHE B 236 -18.15 -15.71 -12.26
C PHE B 236 -17.56 -16.45 -11.08
N PRO B 237 -16.98 -17.64 -11.31
CA PRO B 237 -16.40 -18.39 -10.20
C PRO B 237 -15.08 -17.84 -9.72
N ASP B 238 -14.50 -16.86 -10.42
CA ASP B 238 -13.21 -16.30 -10.06
C ASP B 238 -13.32 -15.06 -9.20
N ASP B 239 -14.44 -14.34 -9.26
CA ASP B 239 -14.61 -13.14 -8.45
C ASP B 239 -14.73 -13.52 -6.99
N ASP B 240 -13.66 -13.29 -6.21
CA ASP B 240 -13.68 -13.64 -4.80
C ASP B 240 -14.48 -12.65 -3.97
N ASP B 241 -14.44 -11.37 -4.35
CA ASP B 241 -15.21 -10.36 -3.64
C ASP B 241 -16.71 -10.58 -3.83
N LEU B 242 -17.12 -10.96 -5.03
CA LEU B 242 -18.52 -11.27 -5.28
C LEU B 242 -18.98 -12.47 -4.46
N ARG B 243 -18.15 -13.51 -4.40
CA ARG B 243 -18.48 -14.67 -3.58
C ARG B 243 -18.54 -14.31 -2.11
N PHE B 244 -17.67 -13.40 -1.67
CA PHE B 244 -17.70 -12.95 -0.28
C PHE B 244 -18.99 -12.20 0.03
N SER B 245 -19.41 -11.31 -0.88
CA SER B 245 -20.65 -10.59 -0.67
C SER B 245 -21.84 -11.52 -0.68
N LEU B 246 -21.82 -12.53 -1.55
CA LEU B 246 -22.92 -13.50 -1.59
C LEU B 246 -22.94 -14.33 -0.31
N ALA B 247 -21.76 -14.71 0.20
CA ALA B 247 -21.69 -15.42 1.47
C ALA B 247 -22.26 -14.58 2.60
N LEU B 248 -21.98 -13.26 2.57
CA LEU B 248 -22.52 -12.37 3.58
C LEU B 248 -24.05 -12.33 3.51
N VAL B 249 -24.58 -12.21 2.30
CA VAL B 249 -26.03 -12.14 2.14
C VAL B 249 -26.68 -13.45 2.58
N CYS B 250 -26.03 -14.58 2.27
CA CYS B 250 -26.56 -15.88 2.68
C CYS B 250 -26.52 -16.04 4.19
N LEU B 251 -25.49 -15.49 4.84
CA LEU B 251 -25.45 -15.54 6.30
C LEU B 251 -26.50 -14.62 6.90
N GLU B 252 -26.86 -13.53 6.20
CA GLU B 252 -27.89 -12.63 6.69
C GLU B 252 -29.28 -13.24 6.54
N ALA B 253 -29.54 -13.94 5.44
CA ALA B 253 -30.85 -14.51 5.13
C ALA B 253 -31.09 -15.87 5.76
N GLN B 254 -30.32 -16.22 6.81
CA GLN B 254 -30.47 -17.50 7.50
C GLN B 254 -30.44 -18.69 6.55
N ALA B 255 -29.78 -18.53 5.39
CA ALA B 255 -29.51 -19.65 4.50
C ALA B 255 -28.12 -20.19 4.84
N TRP B 256 -28.07 -20.93 5.95
CA TRP B 256 -26.78 -21.27 6.56
C TRP B 256 -25.95 -22.17 5.64
N ASP B 257 -26.62 -23.04 4.89
CA ASP B 257 -25.90 -24.02 4.08
C ASP B 257 -25.11 -23.34 2.96
N GLU B 258 -25.79 -22.53 2.16
CA GLU B 258 -25.11 -21.87 1.04
C GLU B 258 -24.04 -20.91 1.54
N ALA B 259 -24.27 -20.26 2.68
CA ALA B 259 -23.25 -19.38 3.25
C ALA B 259 -22.00 -20.18 3.62
N ARG B 260 -22.18 -21.34 4.27
CA ARG B 260 -21.03 -22.17 4.60
C ARG B 260 -20.33 -22.65 3.33
N ILE B 261 -21.10 -22.99 2.30
CA ILE B 261 -20.50 -23.42 1.03
C ILE B 261 -19.62 -22.32 0.46
N TYR B 262 -20.14 -21.09 0.41
CA TYR B 262 -19.38 -19.99 -0.17
C TYR B 262 -18.17 -19.63 0.69
N LEU B 263 -18.30 -19.73 2.01
CA LEU B 263 -17.16 -19.43 2.88
C LEU B 263 -16.05 -20.47 2.72
N GLU B 264 -16.41 -21.75 2.69
CA GLU B 264 -15.40 -22.77 2.47
C GLU B 264 -14.81 -22.68 1.07
N GLU B 265 -15.60 -22.25 0.09
CA GLU B 265 -15.05 -22.00 -1.25
C GLU B 265 -14.04 -20.87 -1.22
N LEU B 266 -14.32 -19.80 -0.47
CA LEU B 266 -13.34 -18.75 -0.32
C LEU B 266 -12.08 -19.27 0.36
N VAL B 267 -12.24 -20.21 1.30
CA VAL B 267 -11.09 -20.80 1.97
C VAL B 267 -10.22 -21.58 0.99
N GLU B 268 -10.84 -22.38 0.11
CA GLU B 268 -10.04 -23.18 -0.81
C GLU B 268 -9.31 -22.32 -1.83
N ARG B 269 -9.88 -21.16 -2.20
CA ARG B 269 -9.26 -20.27 -3.17
C ARG B 269 -8.18 -19.38 -2.55
N ASP B 270 -8.01 -19.42 -1.23
CA ASP B 270 -6.97 -18.67 -0.52
C ASP B 270 -7.11 -17.17 -0.76
N SER B 271 -8.34 -16.66 -0.60
CA SER B 271 -8.62 -15.24 -0.72
C SER B 271 -9.59 -14.86 0.38
N HIS B 272 -9.31 -13.75 1.08
CA HIS B 272 -10.11 -13.32 2.21
C HIS B 272 -10.26 -14.44 3.23
N VAL B 273 -9.14 -15.07 3.56
CA VAL B 273 -9.17 -16.30 4.35
C VAL B 273 -9.53 -16.02 5.82
N ASP B 274 -8.92 -14.99 6.42
CA ASP B 274 -9.18 -14.70 7.83
C ASP B 274 -10.61 -14.24 8.05
N ALA B 275 -11.13 -13.37 7.18
CA ALA B 275 -12.52 -12.96 7.28
C ALA B 275 -13.46 -14.14 7.06
N ALA B 276 -13.09 -15.06 6.16
CA ALA B 276 -13.88 -16.25 5.94
C ALA B 276 -13.96 -17.12 7.18
N HIS B 277 -12.83 -17.31 7.87
CA HIS B 277 -12.86 -18.10 9.10
C HIS B 277 -13.65 -17.40 10.20
N PHE B 278 -13.58 -16.06 10.26
CA PHE B 278 -14.37 -15.32 11.23
C PHE B 278 -15.87 -15.51 10.97
N ASN B 279 -16.29 -15.42 9.71
CA ASN B 279 -17.70 -15.61 9.38
C ASN B 279 -18.14 -17.06 9.59
N LEU B 280 -17.25 -18.02 9.33
CA LEU B 280 -17.58 -19.41 9.61
C LEU B 280 -17.77 -19.63 11.11
N GLY B 281 -16.95 -18.97 11.94
CA GLY B 281 -17.15 -19.04 13.38
C GLY B 281 -18.44 -18.40 13.82
N ARG B 282 -18.80 -17.27 13.23
CA ARG B 282 -20.09 -16.64 13.53
C ARG B 282 -21.25 -17.56 13.13
N LEU B 283 -21.14 -18.22 11.97
CA LEU B 283 -22.18 -19.15 11.55
C LEU B 283 -22.28 -20.32 12.52
N ALA B 284 -21.15 -20.84 12.98
CA ALA B 284 -21.18 -21.93 13.96
C ALA B 284 -21.77 -21.45 15.27
N GLU B 285 -21.56 -20.19 15.63
CA GLU B 285 -22.24 -19.63 16.80
C GLU B 285 -23.75 -19.59 16.57
N GLU B 286 -24.19 -19.31 15.34
CA GLU B 286 -25.62 -19.36 15.04
C GLU B 286 -26.15 -20.78 15.12
N GLN B 287 -25.34 -21.77 14.77
CA GLN B 287 -25.73 -23.16 14.89
C GLN B 287 -25.56 -23.71 16.30
N LYS B 288 -25.14 -22.87 17.24
CA LYS B 288 -24.89 -23.27 18.63
C LYS B 288 -23.87 -24.39 18.72
N ASP B 289 -22.94 -24.45 17.77
CA ASP B 289 -21.84 -25.41 17.77
C ASP B 289 -20.63 -24.66 18.33
N THR B 290 -20.48 -24.71 19.66
CA THR B 290 -19.45 -23.92 20.33
C THR B 290 -18.05 -24.39 19.94
N ALA B 291 -17.87 -25.71 19.80
CA ALA B 291 -16.56 -26.24 19.46
C ALA B 291 -16.15 -25.81 18.05
N ARG B 292 -17.07 -25.88 17.09
CA ARG B 292 -16.76 -25.47 15.72
C ARG B 292 -16.46 -23.98 15.65
N ALA B 293 -17.26 -23.17 16.34
CA ALA B 293 -17.00 -21.73 16.38
C ALA B 293 -15.65 -21.44 17.01
N LEU B 294 -15.29 -22.18 18.05
CA LEU B 294 -14.02 -21.98 18.73
C LEU B 294 -12.85 -22.30 17.82
N ASP B 295 -12.86 -23.50 17.20
CA ASP B 295 -11.74 -23.86 16.34
C ASP B 295 -11.68 -22.98 15.10
N GLU B 296 -12.80 -22.39 14.68
CA GLU B 296 -12.75 -21.48 13.53
C GLU B 296 -12.29 -20.08 13.92
N TYR B 297 -12.61 -19.63 15.14
CA TYR B 297 -12.07 -18.36 15.62
C TYR B 297 -10.58 -18.47 15.89
N ALA B 298 -10.11 -19.67 16.23
CA ALA B 298 -8.68 -19.84 16.53
C ALA B 298 -7.81 -19.66 15.28
N GLN B 299 -8.34 -19.97 14.10
CA GLN B 299 -7.57 -19.90 12.86
C GLN B 299 -7.68 -18.56 12.15
N VAL B 300 -7.91 -17.48 12.88
CA VAL B 300 -8.02 -16.15 12.29
C VAL B 300 -6.68 -15.43 12.43
N GLY B 301 -6.04 -15.14 11.29
CA GLY B 301 -4.77 -14.48 11.28
C GLY B 301 -4.88 -13.02 11.64
N PRO B 302 -3.75 -12.38 11.90
CA PRO B 302 -3.76 -10.95 12.26
C PRO B 302 -4.23 -10.08 11.10
N GLY B 303 -4.97 -9.04 11.43
CA GLY B 303 -5.48 -8.12 10.43
C GLY B 303 -6.69 -7.36 10.97
N ASN B 304 -7.56 -6.97 10.05
CA ASN B 304 -8.77 -6.22 10.39
C ASN B 304 -9.87 -7.10 10.97
N ASP B 305 -9.62 -8.40 11.19
CA ASP B 305 -10.62 -9.30 11.73
C ASP B 305 -10.09 -10.15 12.87
N PHE B 306 -8.87 -9.89 13.34
CA PHE B 306 -8.31 -10.68 14.44
C PHE B 306 -8.96 -10.32 15.77
N LEU B 307 -9.10 -9.02 16.04
CA LEU B 307 -9.73 -8.59 17.29
C LEU B 307 -11.18 -9.02 17.41
N PRO B 308 -12.03 -8.87 16.38
CA PRO B 308 -13.41 -9.37 16.53
C PRO B 308 -13.48 -10.88 16.75
N ALA B 309 -12.63 -11.65 16.07
CA ALA B 309 -12.63 -13.10 16.26
C ALA B 309 -12.21 -13.45 17.68
N GLN B 310 -11.16 -12.79 18.19
CA GLN B 310 -10.74 -13.05 19.56
C GLN B 310 -11.82 -12.67 20.56
N LEU B 311 -12.52 -11.56 20.31
CA LEU B 311 -13.56 -11.12 21.24
C LEU B 311 -14.74 -12.08 21.23
N ARG B 312 -15.14 -12.56 20.05
CA ARG B 312 -16.24 -13.53 19.99
C ARG B 312 -15.85 -14.84 20.64
N GLN B 313 -14.60 -15.27 20.47
CA GLN B 313 -14.12 -16.46 21.15
C GLN B 313 -14.19 -16.29 22.67
N THR B 314 -13.76 -15.13 23.16
CA THR B 314 -13.82 -14.87 24.60
C THR B 314 -15.27 -14.84 25.07
N ASP B 315 -16.18 -14.32 24.24
CA ASP B 315 -17.59 -14.28 24.59
C ASP B 315 -18.17 -15.68 24.70
N VAL B 316 -17.83 -16.56 23.76
CA VAL B 316 -18.31 -17.94 23.83
C VAL B 316 -17.74 -18.63 25.06
N LEU B 317 -16.46 -18.35 25.38
CA LEU B 317 -15.85 -18.95 26.54
C LEU B 317 -16.51 -18.48 27.84
N LEU B 318 -16.90 -17.21 27.90
CA LEU B 318 -17.57 -16.70 29.08
C LEU B 318 -19.00 -17.21 29.18
N LYS B 319 -19.67 -17.42 28.04
CA LYS B 319 -20.97 -18.07 28.05
C LYS B 319 -20.85 -19.50 28.56
N ALA B 320 -19.77 -20.19 28.19
CA ALA B 320 -19.52 -21.54 28.67
C ALA B 320 -19.10 -21.57 30.13
N GLY B 321 -18.63 -20.44 30.67
CA GLY B 321 -18.22 -20.37 32.06
C GLY B 321 -16.74 -20.62 32.30
N ARG B 322 -16.00 -21.06 31.29
CA ARG B 322 -14.56 -21.34 31.45
C ARG B 322 -13.80 -20.02 31.37
N VAL B 323 -13.87 -19.25 32.47
CA VAL B 323 -13.17 -17.98 32.51
C VAL B 323 -11.67 -18.18 32.58
N ASP B 324 -11.22 -19.26 33.22
CA ASP B 324 -9.78 -19.56 33.27
C ASP B 324 -9.25 -19.89 31.89
N GLU B 325 -9.98 -20.70 31.13
CA GLU B 325 -9.59 -21.00 29.76
C GLU B 325 -9.61 -19.74 28.89
N ALA B 326 -10.56 -18.84 29.15
CA ALA B 326 -10.60 -17.58 28.43
C ALA B 326 -9.34 -16.75 28.69
N ALA B 327 -8.97 -16.60 29.97
CA ALA B 327 -7.78 -15.84 30.31
C ALA B 327 -6.53 -16.48 29.72
N GLN B 328 -6.46 -17.82 29.74
CA GLN B 328 -5.29 -18.50 29.20
C GLN B 328 -5.18 -18.32 27.69
N ARG B 329 -6.31 -18.45 26.97
CA ARG B 329 -6.29 -18.25 25.53
C ARG B 329 -5.96 -16.81 25.16
N LEU B 330 -6.48 -15.85 25.94
CA LEU B 330 -6.16 -14.45 25.67
C LEU B 330 -4.69 -14.16 25.94
N ASP B 331 -4.13 -14.77 26.99
CA ASP B 331 -2.71 -14.59 27.26
C ASP B 331 -1.86 -15.21 26.16
N LYS B 332 -2.28 -16.39 25.65
CA LYS B 332 -1.56 -17.01 24.55
C LYS B 332 -1.62 -16.16 23.29
N ALA B 333 -2.77 -15.54 23.03
CA ALA B 333 -2.88 -14.65 21.87
C ALA B 333 -2.03 -13.39 22.04
N ARG B 334 -1.95 -12.88 23.28
CA ARG B 334 -1.09 -11.72 23.54
C ARG B 334 0.38 -12.06 23.33
N SER B 335 0.81 -13.24 23.80
CA SER B 335 2.20 -13.64 23.60
C SER B 335 2.49 -13.94 22.14
N GLU B 336 1.50 -14.44 21.39
CA GLU B 336 1.69 -14.73 19.98
C GLU B 336 1.86 -13.45 19.18
N GLN B 337 0.91 -12.52 19.31
CA GLN B 337 0.94 -11.25 18.59
C GLN B 337 1.01 -10.10 19.58
N PRO B 338 2.19 -9.55 19.84
CA PRO B 338 2.30 -8.44 20.80
C PRO B 338 2.06 -7.06 20.21
N ASP B 339 1.64 -6.98 18.96
CA ASP B 339 1.37 -5.68 18.34
C ASP B 339 0.09 -5.06 18.90
N TYR B 340 -0.95 -5.85 19.14
CA TYR B 340 -2.22 -5.35 19.62
C TYR B 340 -2.46 -5.79 21.07
N ALA B 341 -1.41 -5.86 21.88
CA ALA B 341 -1.56 -6.35 23.25
C ALA B 341 -2.53 -5.49 24.07
N ILE B 342 -2.45 -4.16 23.91
CA ILE B 342 -3.39 -3.29 24.61
C ILE B 342 -4.82 -3.55 24.13
N GLN B 343 -4.98 -3.83 22.83
CA GLN B 343 -6.32 -4.13 22.32
C GLN B 343 -6.81 -5.48 22.82
N LEU B 344 -5.91 -6.45 23.01
CA LEU B 344 -6.31 -7.71 23.64
C LEU B 344 -6.73 -7.50 25.08
N TYR B 345 -6.04 -6.62 25.81
CA TYR B 345 -6.46 -6.33 27.18
C TYR B 345 -7.81 -5.65 27.21
N LEU B 346 -8.07 -4.76 26.25
CA LEU B 346 -9.40 -4.16 26.13
C LEU B 346 -10.47 -5.21 25.81
N ILE B 347 -10.12 -6.17 24.95
CA ILE B 347 -11.04 -7.28 24.67
C ILE B 347 -11.38 -8.01 25.96
N GLU B 348 -10.34 -8.33 26.75
CA GLU B 348 -10.55 -9.04 28.01
C GLU B 348 -11.46 -8.25 28.94
N ALA B 349 -11.18 -6.96 29.09
CA ALA B 349 -12.00 -6.12 29.98
C ALA B 349 -13.44 -6.05 29.51
N GLU B 350 -13.65 -5.84 28.21
CA GLU B 350 -15.01 -5.74 27.67
C GLU B 350 -15.78 -7.04 27.85
N ALA B 351 -15.14 -8.19 27.56
CA ALA B 351 -15.81 -9.46 27.73
C ALA B 351 -16.16 -9.70 29.19
N LEU B 352 -15.23 -9.43 30.11
CA LEU B 352 -15.49 -9.66 31.52
C LEU B 352 -16.55 -8.71 32.07
N SER B 353 -16.66 -7.50 31.48
CA SER B 353 -17.69 -6.57 31.91
C SER B 353 -19.05 -6.90 31.32
N ASN B 354 -19.08 -7.57 30.16
CA ASN B 354 -20.35 -7.93 29.54
C ASN B 354 -20.91 -9.25 30.03
N ASN B 355 -20.17 -9.97 30.89
CA ASN B 355 -20.64 -11.23 31.45
C ASN B 355 -20.62 -11.20 32.98
N ASP B 356 -20.59 -10.00 33.56
CA ASP B 356 -20.68 -9.80 35.01
C ASP B 356 -19.50 -10.47 35.74
N GLN B 357 -18.30 -9.97 35.42
CA GLN B 357 -17.08 -10.33 36.13
C GLN B 357 -16.29 -9.05 36.38
N GLN B 358 -16.85 -8.19 37.22
CA GLN B 358 -16.27 -6.86 37.44
C GLN B 358 -14.90 -6.96 38.09
N GLU B 359 -14.76 -7.80 39.12
CA GLU B 359 -13.49 -7.93 39.82
C GLU B 359 -12.41 -8.48 38.89
N LYS B 360 -12.75 -9.50 38.09
CA LYS B 360 -11.77 -10.05 37.17
C LYS B 360 -11.42 -9.05 36.06
N ALA B 361 -12.38 -8.25 35.62
CA ALA B 361 -12.08 -7.21 34.64
C ALA B 361 -11.12 -6.18 35.21
N TRP B 362 -11.37 -5.75 36.46
CA TRP B 362 -10.47 -4.80 37.11
C TRP B 362 -9.07 -5.41 37.29
N GLN B 363 -9.02 -6.71 37.62
CA GLN B 363 -7.72 -7.36 37.78
C GLN B 363 -6.98 -7.45 36.44
N ALA B 364 -7.70 -7.74 35.36
CA ALA B 364 -7.08 -7.78 34.04
C ALA B 364 -6.55 -6.41 33.63
N ILE B 365 -7.31 -5.36 33.93
CA ILE B 365 -6.85 -4.00 33.62
C ILE B 365 -5.63 -3.65 34.46
N GLN B 366 -5.63 -4.08 35.73
CA GLN B 366 -4.46 -3.85 36.58
C GLN B 366 -3.23 -4.56 36.04
N GLU B 367 -3.40 -5.80 35.57
CA GLU B 367 -2.28 -6.52 34.97
C GLU B 367 -1.78 -5.82 33.70
N GLY B 368 -2.71 -5.41 32.84
CA GLY B 368 -2.32 -4.70 31.63
C GLY B 368 -1.56 -3.42 31.93
N LEU B 369 -1.96 -2.73 32.99
CA LEU B 369 -1.23 -1.52 33.40
C LEU B 369 0.11 -1.86 34.03
N LYS B 370 0.20 -2.98 34.74
CA LYS B 370 1.49 -3.44 35.24
C LYS B 370 2.45 -3.68 34.09
N GLN B 371 1.95 -4.21 32.97
CA GLN B 371 2.79 -4.40 31.80
C GLN B 371 3.03 -3.09 31.07
N TYR B 372 2.01 -2.22 30.98
CA TYR B 372 2.11 -0.95 30.28
C TYR B 372 1.61 0.17 31.17
N PRO B 373 2.48 0.73 32.02
CA PRO B 373 2.05 1.79 32.94
C PRO B 373 1.70 3.10 32.26
N GLU B 374 2.06 3.29 30.98
CA GLU B 374 1.85 4.57 30.32
C GLU B 374 0.72 4.56 29.30
N ASP B 375 0.12 3.41 29.02
CA ASP B 375 -0.91 3.34 27.97
C ASP B 375 -2.15 4.14 28.39
N LEU B 376 -2.45 5.18 27.62
CA LEU B 376 -3.55 6.07 27.98
C LEU B 376 -4.91 5.44 27.74
N ASN B 377 -5.00 4.44 26.85
CA ASN B 377 -6.26 3.73 26.68
C ASN B 377 -6.54 2.85 27.89
N LEU B 378 -5.49 2.22 28.42
CA LEU B 378 -5.64 1.41 29.62
C LEU B 378 -6.02 2.27 30.81
N LEU B 379 -5.42 3.46 30.92
CA LEU B 379 -5.74 4.35 32.03
C LEU B 379 -7.18 4.87 31.92
N TYR B 380 -7.63 5.15 30.69
CA TYR B 380 -9.01 5.64 30.49
C TYR B 380 -10.00 4.52 30.87
N THR B 381 -9.74 3.30 30.39
CA THR B 381 -10.65 2.17 30.71
C THR B 381 -10.66 1.90 32.22
N ARG B 382 -9.50 1.99 32.88
CA ARG B 382 -9.46 1.80 34.35
C ARG B 382 -10.31 2.88 35.01
N SER B 383 -10.22 4.11 34.52
CA SER B 383 -11.02 5.23 35.10
C SER B 383 -12.51 4.94 34.93
N LEU B 385 -13.87 1.94 34.70
CA LEU B 385 -14.15 0.84 35.66
C LEU B 385 -14.26 1.41 37.08
N ALA B 386 -13.38 2.35 37.43
CA ALA B 386 -13.37 2.96 38.78
C ALA B 386 -14.65 3.77 38.97
N GLU B 387 -15.13 4.43 37.91
CA GLU B 387 -16.40 5.17 37.97
C GLU B 387 -17.55 4.21 38.23
N LYS B 388 -17.53 3.02 37.61
CA LYS B 388 -18.55 2.02 37.94
C LYS B 388 -18.35 1.46 39.34
N ARG B 389 -17.11 1.41 39.82
CA ARG B 389 -16.82 0.94 41.17
C ARG B 389 -16.86 2.05 42.20
N ASN B 390 -17.30 3.26 41.82
CA ASN B 390 -17.41 4.42 42.70
C ASN B 390 -16.08 4.89 43.26
N ASP B 391 -14.97 4.32 42.81
CA ASP B 391 -13.64 4.80 43.22
C ASP B 391 -13.34 6.01 42.36
N LEU B 392 -13.81 7.17 42.80
CA LEU B 392 -13.62 8.39 42.03
C LEU B 392 -12.19 8.91 42.15
N ALA B 393 -11.49 8.58 43.24
CA ALA B 393 -10.12 9.06 43.40
C ALA B 393 -9.22 8.50 42.30
N GLN B 394 -9.34 7.20 42.06
CA GLN B 394 -8.54 6.56 40.97
C GLN B 394 -8.97 7.14 39.62
N GLU B 396 -10.17 10.07 38.91
CA GLU B 396 -9.61 11.43 38.78
C GLU B 396 -8.10 11.32 38.50
N LYS B 397 -7.41 10.45 39.25
CA LYS B 397 -5.96 10.33 39.09
C LYS B 397 -5.59 9.98 37.66
N ASP B 398 -6.26 8.97 37.09
CA ASP B 398 -5.93 8.54 35.74
C ASP B 398 -6.27 9.61 34.72
N LEU B 399 -7.35 10.37 34.96
CA LEU B 399 -7.72 11.44 34.04
C LEU B 399 -6.74 12.60 34.12
N ARG B 400 -6.28 12.95 35.32
CA ARG B 400 -5.22 13.94 35.45
C ARG B 400 -3.96 13.47 34.76
N PHE B 401 -3.63 12.19 34.90
CA PHE B 401 -2.46 11.62 34.24
C PHE B 401 -2.56 11.80 32.72
N VAL B 402 -3.70 11.45 32.13
CA VAL B 402 -3.81 11.50 30.67
C VAL B 402 -3.89 12.94 30.17
N ILE B 403 -4.52 13.85 30.93
CA ILE B 403 -4.57 15.23 30.49
C ILE B 403 -3.22 15.92 30.68
N ALA B 404 -2.36 15.38 31.54
CA ALA B 404 -1.00 15.90 31.64
C ALA B 404 -0.12 15.37 30.52
N ARG B 405 -0.26 14.08 30.20
CA ARG B 405 0.51 13.52 29.10
C ARG B 405 0.02 14.03 27.74
N GLU B 406 -1.30 14.15 27.58
CA GLU B 406 -1.91 14.71 26.37
C GLU B 406 -2.76 15.91 26.77
N PRO B 407 -2.23 17.14 26.70
CA PRO B 407 -2.99 18.30 27.19
C PRO B 407 -4.23 18.64 26.39
N ASP B 408 -4.46 18.00 25.25
CA ASP B 408 -5.60 18.35 24.42
C ASP B 408 -6.42 17.11 24.08
N ASN B 409 -6.66 16.25 25.06
CA ASN B 409 -7.48 15.06 24.86
C ASN B 409 -8.92 15.40 25.19
N ALA B 410 -9.77 15.52 24.16
CA ALA B 410 -11.18 15.92 24.37
C ALA B 410 -11.94 14.88 25.22
N ALA B 412 -11.00 12.81 27.59
CA ALA B 412 -10.66 12.90 29.03
C ALA B 412 -11.22 14.21 29.59
N LEU B 413 -10.99 15.32 28.90
CA LEU B 413 -11.48 16.62 29.32
C LEU B 413 -13.00 16.60 29.54
N ASN B 414 -13.74 16.01 28.60
CA ASN B 414 -15.19 15.94 28.73
C ASN B 414 -15.58 15.06 29.90
N ALA B 415 -15.00 13.86 29.99
CA ALA B 415 -15.36 12.94 31.07
C ALA B 415 -15.13 13.59 32.42
N LEU B 416 -13.91 14.05 32.67
CA LEU B 416 -13.58 14.66 33.96
C LEU B 416 -14.46 15.87 34.24
N GLY B 417 -14.65 16.76 33.27
CA GLY B 417 -15.48 17.93 33.51
C GLY B 417 -16.92 17.58 33.84
N TYR B 418 -17.51 16.66 33.08
CA TYR B 418 -18.89 16.25 33.30
C TYR B 418 -19.05 15.59 34.67
N THR B 419 -18.15 14.67 35.03
CA THR B 419 -18.25 14.04 36.33
C THR B 419 -17.97 15.02 37.46
N LEU B 420 -17.13 16.03 37.22
CA LEU B 420 -16.92 17.08 38.22
C LEU B 420 -18.18 17.88 38.44
N ALA B 421 -18.91 18.16 37.37
CA ALA B 421 -20.13 18.94 37.48
C ALA B 421 -21.28 18.14 38.08
N ASP B 422 -21.33 16.84 37.79
CA ASP B 422 -22.49 16.04 38.18
C ASP B 422 -22.39 15.55 39.62
N ARG B 423 -21.18 15.22 40.09
CA ARG B 423 -21.01 14.61 41.40
C ARG B 423 -20.43 15.59 42.42
N THR B 424 -19.26 16.15 42.16
CA THR B 424 -18.60 17.05 43.09
C THR B 424 -19.04 18.49 42.78
N THR B 425 -18.46 19.47 43.47
CA THR B 425 -18.87 20.87 43.34
C THR B 425 -17.73 21.79 42.90
N ARG B 426 -16.76 21.26 42.15
CA ARG B 426 -15.69 22.09 41.58
C ARG B 426 -16.18 22.65 40.24
N TYR B 427 -17.01 23.70 40.33
CA TYR B 427 -17.68 24.21 39.14
C TYR B 427 -16.72 25.00 38.24
N GLY B 428 -15.72 25.65 38.83
CA GLY B 428 -14.77 26.39 38.00
C GLY B 428 -13.90 25.49 37.17
N GLU B 429 -13.39 24.41 37.78
CA GLU B 429 -12.58 23.44 37.03
C GLU B 429 -13.42 22.76 35.96
N ALA B 430 -14.68 22.44 36.28
CA ALA B 430 -15.55 21.83 35.29
C ALA B 430 -15.81 22.79 34.13
N ARG B 431 -15.98 24.08 34.44
CA ARG B 431 -16.19 25.07 33.39
C ARG B 431 -14.97 25.15 32.47
N GLU B 432 -13.78 25.22 33.05
CA GLU B 432 -12.57 25.30 32.21
C GLU B 432 -12.40 24.05 31.36
N LEU B 433 -12.61 22.87 31.96
CA LEU B 433 -12.47 21.61 31.24
C LEU B 433 -13.48 21.50 30.10
N ILE B 434 -14.73 21.85 30.39
CA ILE B 434 -15.79 21.76 29.38
C ILE B 434 -15.59 22.81 28.29
N LEU B 435 -15.06 23.99 28.64
CA LEU B 435 -14.71 24.98 27.62
C LEU B 435 -13.65 24.42 26.68
N LYS B 436 -12.60 23.82 27.23
CA LYS B 436 -11.55 23.24 26.38
C LYS B 436 -12.10 22.11 25.51
N ALA B 437 -12.89 21.22 26.09
CA ALA B 437 -13.45 20.10 25.34
C ALA B 437 -14.42 20.57 24.26
N HIS B 438 -15.20 21.62 24.54
CA HIS B 438 -16.17 22.09 23.55
C HIS B 438 -15.48 22.85 22.43
N LYS B 439 -14.44 23.61 22.74
CA LYS B 439 -13.68 24.27 21.68
C LYS B 439 -12.92 23.25 20.85
N LEU B 440 -12.55 22.12 21.46
CA LEU B 440 -11.80 21.09 20.74
C LEU B 440 -12.69 20.33 19.77
N ASN B 441 -13.90 19.97 20.18
CA ASN B 441 -14.80 19.19 19.33
C ASN B 441 -16.24 19.62 19.59
N PRO B 442 -16.71 20.64 18.88
CA PRO B 442 -18.10 21.08 19.06
C PRO B 442 -19.14 20.09 18.55
N ASP B 443 -18.78 19.24 17.58
CA ASP B 443 -19.76 18.34 16.98
C ASP B 443 -20.17 17.22 17.93
N ASP B 444 -19.36 16.92 18.93
CA ASP B 444 -19.64 15.83 19.86
C ASP B 444 -20.86 16.18 20.71
N PRO B 445 -21.92 15.37 20.69
CA PRO B 445 -23.14 15.72 21.45
C PRO B 445 -23.00 15.48 22.94
N ALA B 446 -22.12 14.56 23.35
CA ALA B 446 -21.83 14.40 24.77
C ALA B 446 -21.13 15.62 25.34
N ILE B 447 -20.28 16.26 24.54
CA ILE B 447 -19.67 17.52 24.97
C ILE B 447 -20.73 18.61 25.11
N LEU B 448 -21.72 18.62 24.22
CA LEU B 448 -22.83 19.58 24.37
C LEU B 448 -23.65 19.27 25.62
N ASP B 449 -23.82 17.98 25.93
CA ASP B 449 -24.47 17.58 27.17
C ASP B 449 -23.71 18.11 28.38
N SER B 450 -22.39 18.00 28.35
CA SER B 450 -21.61 18.45 29.52
C SER B 450 -21.67 19.97 29.60
N GLY B 452 -24.13 21.93 28.64
CA GLY B 452 -25.44 22.31 29.18
C GLY B 452 -25.54 21.97 30.66
N TRP B 453 -25.04 20.81 31.07
CA TRP B 453 -25.12 20.41 32.48
C TRP B 453 -24.35 21.39 33.37
N ILE B 454 -23.16 21.81 32.95
CA ILE B 454 -22.44 22.79 33.75
C ILE B 454 -23.15 24.14 33.71
N ASN B 455 -23.81 24.47 32.59
CA ASN B 455 -24.58 25.71 32.53
C ASN B 455 -25.78 25.66 33.46
N TYR B 456 -26.39 24.49 33.60
CA TYR B 456 -27.51 24.33 34.54
C TYR B 456 -27.00 24.43 35.98
N ARG B 457 -25.85 23.82 36.25
CA ARG B 457 -25.29 23.88 37.61
C ARG B 457 -24.82 25.29 37.96
N GLN B 458 -24.50 26.13 36.97
CA GLN B 458 -24.15 27.51 37.27
C GLN B 458 -25.38 28.38 37.51
N GLY B 459 -26.56 27.96 37.05
CA GLY B 459 -27.78 28.70 37.25
C GLY B 459 -28.42 29.22 35.98
N LYS B 460 -27.63 29.41 34.92
CA LYS B 460 -28.13 29.92 33.65
C LYS B 460 -29.00 28.86 33.00
N LEU B 461 -30.32 29.07 33.05
CA LEU B 461 -31.26 28.04 32.58
C LEU B 461 -31.43 28.09 31.07
N ALA B 462 -31.40 29.28 30.48
CA ALA B 462 -31.63 29.39 29.04
C ALA B 462 -30.49 28.75 28.25
N ASP B 463 -29.24 29.04 28.65
CA ASP B 463 -28.10 28.44 27.97
C ASP B 463 -28.09 26.92 28.13
N ALA B 464 -28.37 26.44 29.33
CA ALA B 464 -28.43 24.99 29.57
C ALA B 464 -29.52 24.36 28.71
N GLU B 465 -30.69 24.99 28.64
CA GLU B 465 -31.78 24.47 27.81
C GLU B 465 -31.38 24.40 26.35
N ARG B 466 -30.72 25.45 25.84
CA ARG B 466 -30.30 25.46 24.44
C ARG B 466 -29.28 24.35 24.18
N TYR B 467 -28.30 24.19 25.07
CA TYR B 467 -27.26 23.20 24.83
C TYR B 467 -27.80 21.77 24.93
N LEU B 468 -28.68 21.50 25.89
CA LEU B 468 -29.31 20.17 25.92
C LEU B 468 -30.23 19.96 24.72
N ARG B 469 -30.92 21.00 24.25
CA ARG B 469 -31.73 20.86 23.05
C ARG B 469 -30.87 20.47 21.86
N GLN B 470 -29.72 21.12 21.70
CA GLN B 470 -28.81 20.77 20.62
C GLN B 470 -28.29 19.34 20.77
N ALA B 471 -27.83 18.98 21.97
CA ALA B 471 -27.27 17.65 22.18
C ALA B 471 -28.32 16.55 21.93
N LEU B 472 -29.58 16.81 22.28
CA LEU B 472 -30.63 15.85 22.01
C LEU B 472 -31.03 15.83 20.54
N GLN B 473 -30.94 16.98 19.87
CA GLN B 473 -31.21 17.02 18.43
C GLN B 473 -30.19 16.21 17.65
N ARG B 474 -28.93 16.22 18.10
CA ARG B 474 -27.89 15.48 17.40
C ARG B 474 -28.23 14.00 17.33
N TYR B 475 -28.43 13.37 18.49
CA TYR B 475 -28.81 11.96 18.55
C TYR B 475 -29.65 11.75 19.80
N PRO B 476 -30.66 10.88 19.74
CA PRO B 476 -31.52 10.65 20.92
C PRO B 476 -30.82 9.76 21.94
N ASP B 477 -30.57 10.30 23.13
CA ASP B 477 -29.97 9.57 24.22
C ASP B 477 -30.82 9.72 25.47
N HIS B 478 -30.88 8.65 26.26
CA HIS B 478 -31.70 8.66 27.47
C HIS B 478 -31.14 9.62 28.52
N GLU B 479 -29.82 9.64 28.69
CA GLU B 479 -29.22 10.52 29.69
C GLU B 479 -29.42 11.98 29.32
N VAL B 480 -29.17 12.32 28.06
CA VAL B 480 -29.39 13.69 27.59
C VAL B 480 -30.87 14.05 27.68
N ALA B 481 -31.74 13.08 27.42
CA ALA B 481 -33.18 13.33 27.54
C ALA B 481 -33.56 13.68 28.98
N ALA B 482 -33.06 12.90 29.94
CA ALA B 482 -33.35 13.18 31.34
C ALA B 482 -32.78 14.52 31.77
N HIS B 483 -31.56 14.83 31.31
CA HIS B 483 -30.94 16.11 31.66
C HIS B 483 -31.75 17.28 31.12
N LEU B 484 -32.15 17.19 29.84
CA LEU B 484 -32.96 18.25 29.24
C LEU B 484 -34.30 18.38 29.95
N GLY B 485 -34.93 17.25 30.30
CA GLY B 485 -36.18 17.31 31.01
C GLY B 485 -36.05 18.01 32.35
N GLU B 486 -35.01 17.66 33.10
CA GLU B 486 -34.82 18.27 34.42
C GLU B 486 -34.51 19.76 34.30
N VAL B 487 -33.66 20.14 33.35
CA VAL B 487 -33.32 21.54 33.19
C VAL B 487 -34.54 22.35 32.79
N LEU B 488 -35.35 21.82 31.86
CA LEU B 488 -36.56 22.53 31.46
C LEU B 488 -37.55 22.60 32.61
N TRP B 489 -37.70 21.50 33.37
CA TRP B 489 -38.61 21.49 34.50
C TRP B 489 -38.21 22.54 35.53
N ALA B 490 -36.92 22.66 35.79
CA ALA B 490 -36.44 23.70 36.70
C ALA B 490 -36.70 25.09 36.12
N GLN B 491 -36.61 25.22 34.80
CA GLN B 491 -36.87 26.50 34.15
C GLN B 491 -38.35 26.84 34.11
N GLY B 492 -39.23 25.84 34.29
CA GLY B 492 -40.65 26.04 34.22
C GLY B 492 -41.29 25.10 33.22
N ARG B 493 -42.45 25.49 32.68
CA ARG B 493 -43.12 24.73 31.62
C ARG B 493 -43.20 23.24 31.97
N GLN B 494 -43.84 22.96 33.10
CA GLN B 494 -43.89 21.59 33.62
C GLN B 494 -44.41 20.63 32.57
N GLY B 495 -45.45 21.05 31.82
CA GLY B 495 -46.01 20.18 30.80
C GLY B 495 -45.02 19.84 29.70
N ASP B 496 -44.17 20.81 29.34
CA ASP B 496 -43.19 20.57 28.28
C ASP B 496 -42.16 19.54 28.70
N ALA B 497 -41.61 19.68 29.92
CA ALA B 497 -40.65 18.70 30.41
C ALA B 497 -41.30 17.33 30.59
N ARG B 498 -42.53 17.31 31.10
CA ARG B 498 -43.24 16.04 31.26
C ARG B 498 -43.46 15.36 29.91
N ALA B 499 -43.77 16.13 28.87
CA ALA B 499 -44.00 15.54 27.55
C ALA B 499 -42.69 15.06 26.95
N ILE B 500 -41.60 15.80 27.18
CA ILE B 500 -40.30 15.37 26.68
C ILE B 500 -39.90 14.06 27.35
N TRP B 501 -40.19 13.92 28.65
CA TRP B 501 -39.91 12.66 29.32
C TRP B 501 -40.80 11.55 28.78
N ARG B 502 -42.05 11.90 28.44
CA ARG B 502 -42.98 10.91 27.89
C ARG B 502 -42.51 10.43 26.52
N GLU B 503 -41.77 11.28 25.80
CA GLU B 503 -41.36 10.93 24.44
C GLU B 503 -40.31 9.82 24.46
N TYR B 504 -39.19 10.06 25.12
CA TYR B 504 -38.07 9.12 25.15
C TYR B 504 -38.19 8.07 26.24
N LEU B 505 -39.29 8.05 27.00
CA LEU B 505 -39.52 6.96 27.94
C LEU B 505 -39.58 5.63 27.22
N ASP B 506 -40.49 5.50 26.25
CA ASP B 506 -40.56 4.36 25.34
C ASP B 506 -40.69 3.03 26.08
N LYS B 507 -41.20 3.07 27.31
CA LYS B 507 -41.33 1.89 28.16
C LYS B 507 -40.01 1.17 28.32
N GLN B 508 -38.93 1.94 28.50
CA GLN B 508 -37.59 1.37 28.53
C GLN B 508 -37.14 1.17 29.97
N PRO B 509 -36.80 -0.06 30.38
CA PRO B 509 -36.17 -0.24 31.70
C PRO B 509 -34.75 0.30 31.77
N ASP B 510 -34.05 0.40 30.64
CA ASP B 510 -32.69 0.94 30.61
C ASP B 510 -32.65 2.41 31.02
N SER B 511 -33.79 3.09 31.01
CA SER B 511 -33.91 4.48 31.46
C SER B 511 -34.07 4.56 32.97
N ASP B 512 -33.37 3.71 33.70
CA ASP B 512 -33.49 3.68 35.16
C ASP B 512 -33.05 5.00 35.78
N VAL B 513 -32.01 5.63 35.24
CA VAL B 513 -31.64 6.96 35.71
C VAL B 513 -32.73 7.96 35.33
N LEU B 514 -33.30 7.81 34.13
CA LEU B 514 -34.42 8.66 33.73
C LEU B 514 -35.65 8.37 34.59
N ARG B 515 -35.86 7.10 34.94
CA ARG B 515 -36.98 6.75 35.81
C ARG B 515 -36.85 7.43 37.18
N ARG B 516 -35.62 7.50 37.70
CA ARG B 516 -35.40 8.07 39.02
C ARG B 516 -35.36 9.61 39.01
N THR B 517 -35.01 10.24 37.88
CA THR B 517 -35.08 11.70 37.81
C THR B 517 -36.53 12.17 37.95
N ILE B 518 -37.46 11.47 37.31
CA ILE B 518 -38.88 11.80 37.45
C ILE B 518 -39.30 11.60 38.90
N LYS B 519 -38.84 10.51 39.52
CA LYS B 519 -39.17 10.25 40.92
C LYS B 519 -38.65 11.36 41.83
N ARG B 520 -37.43 11.84 41.58
CA ARG B 520 -36.84 12.88 42.41
C ARG B 520 -37.57 14.20 42.24
N LEU B 521 -37.94 14.55 41.00
CA LEU B 521 -38.56 15.86 40.76
C LEU B 521 -40.03 15.87 41.13
N THR B 522 -40.72 14.72 41.06
CA THR B 522 -42.08 14.65 41.55
C THR B 522 -42.12 14.46 43.07
N GLY B 523 -41.06 13.90 43.66
CA GLY B 523 -40.91 13.85 45.10
C GLY B 523 -40.61 15.20 45.72
N ALA B 524 -40.05 16.12 44.94
CA ALA B 524 -39.91 17.48 45.43
C ALA B 524 -41.25 18.21 45.53
N GLU B 525 -42.34 17.58 45.08
CA GLU B 525 -43.68 18.15 45.19
C GLU B 525 -44.60 17.15 45.89
#